data_5XS7
#
_entry.id   5XS7
#
_cell.length_a   1
_cell.length_b   1
_cell.length_c   1
_cell.angle_alpha   90.00
_cell.angle_beta   90.00
_cell.angle_gamma   90.00
#
_symmetry.space_group_name_H-M   'P 1'
#
loop_
_entity.id
_entity.type
_entity.pdbx_description
1 polymer 'Light chain of Fab 1D5'
2 polymer 'Heavy chain of Fab 1D5'
3 polymer 'Genome polyprotein'
4 polymer 'Genome polyprotein'
5 polymer 'Genome polyprotein'
#
loop_
_entity_poly.entity_id
_entity_poly.type
_entity_poly.pdbx_seq_one_letter_code
_entity_poly.pdbx_strand_id
1 'polypeptide(L)'
;DIVMTQSHKFMSTSVGDRVSITCKASQDVNTAVAWYQQRPGQSPKLLIYSASYRYTGVPDRFTGSGSGTDFTFTISSVQA
EDLAVYYCQQHYTTPHTFGGGTKLEIKR
;
L
2 'polypeptide(L)'
;EVQLVESGGGLVKPGGSLKLSCAASGFAFSTYDMSWVRQTPEKRLELVAHISSGGGYIYYPDTVKGRFTISRDNAKNTLY
LQMSSLKSEDTAMYYCTRQKGLYYGFDYWGQGTTLTVSS
;
H
3 'polypeptide(L)'
;NDPIANAVESAVSALADTTISRVTAANTTASTHSLGTGRVPALQAAETGASSNASDENLVETRCVMNRNGVNEASVEHFY
SRAGLVGVVEVKDSGTSLDGYTVWPIDVMGFVQQRRKLELSTYMRFDAEFTFVSNLSNSTTPGMLLQYMYVPPGAPKPDG
RKSYQWQTATNPSVFAKLSDPPPQVSVPFMSPATAYQWFYDGYPTFGEHKQATNLQYGQCPNNMMGHFAIRTVSESTTGK
NVHVRVYMRIKHVRAWVPRPLRSQAYMVKNYPTYSQTITNTATDRASITTTDYEGGVPASPQRTS
;
A
4 'polypeptide(L)'
;SPSVEACGYSDRVAQLTVGNSTITTQEAANIVLSYGEWPEYCPSTDATAVDKPTRPDVSVNRFYTLSTKSWKTESTGWYW
KFPDVLNDTGVFGQNAQFHYLYRSGFCMHVQCNASKFHQGALLVAAIPEFVIAASSPATKPNGRGLYPDFAHTNPGKDGQ
EFRDPYVLDAGIPLSQALVFPHQWINLRTNNCATIIMPYVNALPFDSALNHSNFGLVVIPISPLKYCNGATTEVPVTLTI
APLNSEFSGLRQAIKQ
;
B
5 'polypeptide(L)'
;GFPTELKPGTNQFLTTDDGTSPPILPGFEPTPLIHIPGEFTSLLDLCQIETILEVNNTTGTIGVSRLLIPVRAQNNVDQL
CASFQVDPGRNGPWQSTMVGQICRYYTQWSGSLKVTFMFTGSFMATGKMLIAYTPPGSAQPATREAAMLGTHIVWDFGLQ
SSVTLVIPWISNTHFRAVKIGGVYDYYATGIVTIWYQTNFVVPPDTPTEANIIALGAAQKNFTLKLCKDTDEIQQTAAYQ
;
C
#
# COMPACT_ATOMS: atom_id res chain seq x y z
N ASP A 1 -11.35 -46.85 10.13
CA ASP A 1 -11.02 -46.34 8.81
C ASP A 1 -12.22 -46.41 7.89
N ILE A 2 -12.00 -46.06 6.62
CA ILE A 2 -13.07 -46.06 5.62
C ILE A 2 -12.53 -46.73 4.38
N VAL A 3 -13.17 -47.82 3.96
CA VAL A 3 -12.64 -48.72 2.94
C VAL A 3 -13.21 -48.33 1.59
N MET A 4 -12.33 -48.17 0.60
CA MET A 4 -12.75 -47.95 -0.77
C MET A 4 -12.55 -49.25 -1.53
N THR A 5 -13.65 -49.86 -1.95
CA THR A 5 -13.63 -51.13 -2.64
C THR A 5 -13.94 -50.93 -4.12
N GLN A 6 -13.17 -51.56 -4.97
CA GLN A 6 -13.43 -51.54 -6.40
C GLN A 6 -14.10 -52.83 -6.83
N SER A 7 -15.03 -52.71 -7.78
CA SER A 7 -15.88 -53.84 -8.13
C SER A 7 -15.09 -54.94 -8.84
N HIS A 8 -14.32 -54.58 -9.86
CA HIS A 8 -13.74 -55.56 -10.78
C HIS A 8 -12.23 -55.55 -10.65
N LYS A 9 -11.66 -56.72 -10.33
CA LYS A 9 -10.21 -56.89 -10.35
C LYS A 9 -9.65 -56.90 -11.77
N PHE A 10 -10.48 -57.08 -12.78
CA PHE A 10 -10.02 -57.07 -14.16
C PHE A 10 -11.12 -56.55 -15.06
N MET A 11 -10.73 -55.86 -16.13
CA MET A 11 -11.66 -55.49 -17.18
C MET A 11 -10.95 -55.62 -18.52
N SER A 12 -11.71 -56.00 -19.54
CA SER A 12 -11.18 -56.22 -20.87
C SER A 12 -11.77 -55.23 -21.85
N THR A 13 -10.99 -54.90 -22.87
CA THR A 13 -11.38 -53.92 -23.89
C THR A 13 -10.40 -54.05 -25.04
N SER A 14 -10.52 -53.15 -26.02
CA SER A 14 -9.56 -53.09 -27.12
C SER A 14 -9.31 -51.61 -27.43
N VAL A 15 -8.39 -51.38 -28.37
CA VAL A 15 -8.01 -50.01 -28.70
C VAL A 15 -9.18 -49.31 -29.37
N GLY A 16 -9.33 -48.01 -29.08
CA GLY A 16 -10.43 -47.23 -29.59
C GLY A 16 -11.72 -47.37 -28.82
N ASP A 17 -11.82 -48.34 -27.91
CA ASP A 17 -13.06 -48.62 -27.20
C ASP A 17 -13.26 -47.59 -26.09
N ARG A 18 -14.26 -47.84 -25.25
CA ARG A 18 -14.61 -46.96 -24.14
C ARG A 18 -14.87 -47.83 -22.91
N VAL A 19 -14.16 -47.56 -21.83
CA VAL A 19 -14.30 -48.32 -20.59
C VAL A 19 -14.39 -47.36 -19.43
N SER A 20 -15.16 -47.74 -18.42
CA SER A 20 -15.38 -46.90 -17.26
C SER A 20 -15.39 -47.76 -16.01
N ILE A 21 -14.65 -47.35 -15.00
CA ILE A 21 -14.47 -48.13 -13.78
C ILE A 21 -15.18 -47.41 -12.64
N THR A 22 -15.66 -48.18 -11.68
CA THR A 22 -16.34 -47.62 -10.53
C THR A 22 -15.46 -47.68 -9.29
N CYS A 23 -15.98 -47.11 -8.21
CA CYS A 23 -15.37 -47.21 -6.88
C CYS A 23 -16.50 -47.04 -5.88
N LYS A 24 -16.38 -47.71 -4.73
CA LYS A 24 -17.46 -47.76 -3.76
C LYS A 24 -16.92 -47.39 -2.39
N ALA A 25 -17.65 -46.55 -1.67
CA ALA A 25 -17.16 -45.98 -0.43
C ALA A 25 -17.86 -46.59 0.78
N SER A 26 -17.09 -46.84 1.83
CA SER A 26 -17.64 -47.45 3.03
C SER A 26 -18.70 -46.56 3.69
N GLN A 27 -18.53 -45.25 3.60
CA GLN A 27 -19.52 -44.31 4.09
C GLN A 27 -19.48 -43.10 3.18
N ASP A 28 -20.13 -42.02 3.59
CA ASP A 28 -20.23 -40.84 2.73
C ASP A 28 -18.93 -40.07 2.74
N VAL A 29 -18.27 -39.99 1.59
CA VAL A 29 -17.00 -39.29 1.46
C VAL A 29 -17.14 -37.90 0.87
N ASN A 30 -18.36 -37.43 0.62
CA ASN A 30 -18.59 -36.20 -0.13
C ASN A 30 -17.99 -36.41 -1.52
N THR A 31 -17.29 -35.42 -2.08
CA THR A 31 -16.74 -35.53 -3.43
C THR A 31 -15.27 -35.89 -3.47
N ALA A 32 -14.63 -36.10 -2.34
CA ALA A 32 -13.18 -36.28 -2.33
C ALA A 32 -12.83 -37.69 -2.77
N VAL A 33 -12.14 -37.80 -3.90
CA VAL A 33 -11.63 -39.07 -4.38
C VAL A 33 -10.52 -38.76 -5.38
N ALA A 34 -9.64 -39.73 -5.62
CA ALA A 34 -8.57 -39.53 -6.58
C ALA A 34 -8.30 -40.84 -7.30
N TRP A 35 -7.87 -40.76 -8.56
CA TRP A 35 -7.62 -41.93 -9.39
C TRP A 35 -6.18 -41.93 -9.86
N TYR A 36 -5.53 -43.08 -9.77
CA TYR A 36 -4.11 -43.20 -10.05
C TYR A 36 -3.82 -44.17 -11.18
N GLN A 37 -2.73 -43.88 -11.88
CA GLN A 37 -2.24 -44.66 -13.01
C GLN A 37 -0.92 -45.29 -12.61
N GLN A 38 -0.88 -46.60 -12.43
CA GLN A 38 0.38 -47.26 -12.14
C GLN A 38 0.75 -48.16 -13.31
N ARG A 39 1.71 -47.74 -14.10
CA ARG A 39 2.19 -48.57 -15.19
C ARG A 39 3.10 -49.65 -14.61
N PRO A 40 3.25 -50.78 -15.31
CA PRO A 40 4.06 -51.87 -14.76
C PRO A 40 5.49 -51.42 -14.51
N GLY A 41 5.97 -51.69 -13.30
CA GLY A 41 7.30 -51.26 -12.90
C GLY A 41 7.48 -49.76 -12.97
N GLN A 42 6.62 -49.00 -12.29
CA GLN A 42 6.72 -47.55 -12.35
C GLN A 42 6.02 -46.98 -11.12
N SER A 43 6.37 -45.74 -10.80
CA SER A 43 5.74 -45.05 -9.68
C SER A 43 4.35 -44.57 -10.08
N PRO A 44 3.31 -44.92 -9.34
CA PRO A 44 1.95 -44.57 -9.77
C PRO A 44 1.74 -43.08 -9.87
N LYS A 45 1.28 -42.64 -11.04
CA LYS A 45 1.03 -41.24 -11.34
C LYS A 45 -0.36 -40.81 -10.90
N LEU A 46 -0.49 -39.51 -10.65
CA LEU A 46 -1.79 -38.91 -10.37
C LEU A 46 -2.52 -38.58 -11.65
N LEU A 47 -3.81 -38.86 -11.71
CA LEU A 47 -4.64 -38.49 -12.86
C LEU A 47 -5.75 -37.54 -12.46
N ILE A 48 -6.80 -38.04 -11.82
CA ILE A 48 -8.00 -37.25 -11.53
C ILE A 48 -8.20 -37.26 -10.03
N TYR A 49 -8.48 -36.08 -9.47
CA TYR A 49 -8.66 -35.93 -8.04
C TYR A 49 -9.90 -35.08 -7.79
N SER A 50 -10.56 -35.35 -6.66
CA SER A 50 -11.74 -34.60 -6.25
C SER A 50 -12.80 -34.65 -7.34
N ALA A 51 -13.36 -35.84 -7.50
CA ALA A 51 -14.45 -36.09 -8.44
C ALA A 51 -13.97 -35.73 -9.83
N SER A 52 -14.54 -34.72 -10.50
CA SER A 52 -14.32 -34.53 -11.92
C SER A 52 -12.95 -33.96 -12.22
N TYR A 53 -12.47 -33.02 -11.41
CA TYR A 53 -11.28 -32.27 -11.78
C TYR A 53 -10.10 -33.20 -12.01
N ARG A 54 -9.32 -32.89 -13.04
CA ARG A 54 -8.13 -33.68 -13.36
C ARG A 54 -6.88 -32.83 -13.24
N TYR A 55 -5.79 -33.49 -12.85
CA TYR A 55 -4.55 -32.82 -12.54
C TYR A 55 -3.93 -32.22 -13.81
N THR A 56 -3.05 -31.26 -13.62
CA THR A 56 -2.47 -30.54 -14.74
C THR A 56 -1.63 -31.46 -15.60
N GLY A 57 -1.92 -31.49 -16.90
CA GLY A 57 -1.17 -32.28 -17.85
C GLY A 57 -1.80 -33.61 -18.22
N VAL A 58 -2.85 -34.02 -17.53
CA VAL A 58 -3.51 -35.28 -17.87
C VAL A 58 -4.28 -35.12 -19.17
N PRO A 59 -4.13 -36.02 -20.14
CA PRO A 59 -4.82 -35.87 -21.42
C PRO A 59 -6.33 -35.86 -21.26
N ASP A 60 -7.01 -35.27 -22.25
CA ASP A 60 -8.43 -35.02 -22.11
C ASP A 60 -9.27 -36.27 -22.22
N ARG A 61 -8.74 -37.35 -22.79
CA ARG A 61 -9.56 -38.54 -22.89
C ARG A 61 -9.84 -39.18 -21.55
N PHE A 62 -9.17 -38.72 -20.49
CA PHE A 62 -9.39 -39.22 -19.14
C PHE A 62 -10.42 -38.36 -18.45
N THR A 63 -11.54 -38.96 -18.03
CA THR A 63 -12.60 -38.23 -17.37
C THR A 63 -13.07 -39.02 -16.17
N GLY A 64 -13.75 -38.32 -15.27
CA GLY A 64 -14.31 -38.95 -14.09
C GLY A 64 -15.50 -38.15 -13.61
N SER A 65 -16.38 -38.82 -12.87
CA SER A 65 -17.57 -38.17 -12.37
C SER A 65 -18.09 -38.94 -11.18
N GLY A 66 -18.93 -38.29 -10.40
CA GLY A 66 -19.59 -38.93 -9.29
C GLY A 66 -19.84 -37.95 -8.17
N SER A 67 -20.29 -38.50 -7.05
CA SER A 67 -20.52 -37.78 -5.81
C SER A 67 -21.00 -38.79 -4.79
N GLY A 68 -20.95 -38.41 -3.52
CA GLY A 68 -21.41 -39.31 -2.48
C GLY A 68 -20.55 -40.55 -2.42
N THR A 69 -21.19 -41.70 -2.35
CA THR A 69 -20.50 -42.97 -2.16
C THR A 69 -20.26 -43.75 -3.45
N ASP A 70 -20.64 -43.20 -4.61
CA ASP A 70 -20.59 -43.93 -5.88
C ASP A 70 -19.84 -43.10 -6.91
N PHE A 71 -18.72 -43.61 -7.39
CA PHE A 71 -17.82 -42.88 -8.26
C PHE A 71 -17.57 -43.63 -9.56
N THR A 72 -17.05 -42.90 -10.54
CA THR A 72 -16.81 -43.48 -11.85
C THR A 72 -15.65 -42.78 -12.53
N PHE A 73 -14.83 -43.56 -13.24
CA PHE A 73 -13.67 -43.06 -13.95
C PHE A 73 -13.76 -43.54 -15.39
N THR A 74 -13.92 -42.61 -16.32
CA THR A 74 -14.32 -42.92 -17.69
C THR A 74 -13.17 -42.65 -18.66
N ILE A 75 -12.89 -43.64 -19.50
CA ILE A 75 -11.94 -43.49 -20.60
C ILE A 75 -12.75 -43.38 -21.88
N SER A 76 -12.66 -42.24 -22.55
CA SER A 76 -13.39 -42.05 -23.79
C SER A 76 -12.88 -42.99 -24.87
N SER A 77 -11.57 -42.96 -25.14
CA SER A 77 -10.95 -43.77 -26.19
C SER A 77 -9.73 -44.47 -25.63
N VAL A 78 -9.76 -45.80 -25.60
CA VAL A 78 -8.63 -46.55 -25.09
C VAL A 78 -7.49 -46.52 -26.11
N GLN A 79 -6.27 -46.39 -25.62
CA GLN A 79 -5.08 -46.53 -26.46
C GLN A 79 -4.18 -47.60 -25.89
N ALA A 80 -3.03 -47.78 -26.55
CA ALA A 80 -2.09 -48.80 -26.11
C ALA A 80 -1.47 -48.44 -24.77
N GLU A 81 -1.10 -47.16 -24.61
CA GLU A 81 -0.44 -46.72 -23.38
C GLU A 81 -1.35 -46.83 -22.15
N ASP A 82 -2.62 -47.14 -22.35
CA ASP A 82 -3.61 -47.11 -21.29
C ASP A 82 -3.60 -48.34 -20.41
N LEU A 83 -2.75 -49.32 -20.70
CA LEU A 83 -2.70 -50.54 -19.91
C LEU A 83 -1.90 -50.30 -18.64
N ALA A 84 -2.55 -50.47 -17.49
CA ALA A 84 -1.92 -50.31 -16.18
C ALA A 84 -2.95 -50.54 -15.08
N VAL A 85 -2.50 -50.48 -13.82
CA VAL A 85 -3.40 -50.68 -12.69
C VAL A 85 -3.92 -49.35 -12.23
N TYR A 86 -5.21 -49.28 -11.90
CA TYR A 86 -5.87 -48.09 -11.43
C TYR A 86 -6.25 -48.23 -9.96
N TYR A 87 -6.26 -47.12 -9.25
CA TYR A 87 -6.64 -47.11 -7.85
C TYR A 87 -7.52 -45.91 -7.57
N CYS A 88 -8.43 -46.05 -6.61
CA CYS A 88 -9.23 -44.92 -6.14
C CYS A 88 -8.88 -44.64 -4.67
N GLN A 89 -8.82 -43.36 -4.34
CA GLN A 89 -8.37 -42.88 -3.04
C GLN A 89 -9.50 -42.19 -2.30
N GLN A 90 -9.38 -42.17 -0.98
CA GLN A 90 -10.21 -41.33 -0.11
C GLN A 90 -9.34 -40.31 0.60
N HIS A 91 -9.40 -39.05 0.17
CA HIS A 91 -8.78 -37.98 0.93
C HIS A 91 -9.78 -37.21 1.78
N TYR A 92 -11.02 -37.68 1.86
CA TYR A 92 -12.03 -37.01 2.67
C TYR A 92 -11.58 -36.83 4.12
N THR A 93 -10.99 -37.85 4.73
CA THR A 93 -10.47 -37.73 6.09
C THR A 93 -9.16 -38.48 6.23
N THR A 94 -8.49 -38.22 7.34
CA THR A 94 -7.33 -39.03 7.73
C THR A 94 -7.81 -40.26 8.48
N PRO A 95 -7.14 -41.40 8.28
CA PRO A 95 -6.06 -41.65 7.32
C PRO A 95 -6.58 -41.90 5.92
N HIS A 96 -5.76 -41.59 4.92
CA HIS A 96 -6.10 -41.85 3.55
C HIS A 96 -6.14 -43.35 3.29
N THR A 97 -6.91 -43.75 2.29
CA THR A 97 -7.06 -45.17 2.01
C THR A 97 -7.25 -45.39 0.52
N PHE A 98 -6.65 -46.45 0.01
CA PHE A 98 -6.63 -46.73 -1.42
C PHE A 98 -7.46 -47.96 -1.75
N GLY A 99 -7.99 -47.99 -2.96
CA GLY A 99 -8.74 -49.13 -3.42
C GLY A 99 -7.85 -50.31 -3.76
N GLY A 100 -8.50 -51.44 -3.97
CA GLY A 100 -7.78 -52.68 -4.22
C GLY A 100 -7.04 -52.75 -5.52
N GLY A 101 -7.33 -51.86 -6.45
CA GLY A 101 -6.64 -51.89 -7.72
C GLY A 101 -7.48 -52.54 -8.80
N THR A 102 -7.31 -52.05 -10.02
CA THR A 102 -8.04 -52.56 -11.17
C THR A 102 -7.09 -52.58 -12.36
N LYS A 103 -7.05 -53.71 -13.06
CA LYS A 103 -6.13 -53.91 -14.16
C LYS A 103 -6.90 -54.08 -15.45
N LEU A 104 -6.52 -53.30 -16.46
CA LEU A 104 -7.16 -53.40 -17.77
C LEU A 104 -6.66 -54.63 -18.52
N GLU A 105 -7.45 -55.03 -19.52
CA GLU A 105 -7.07 -56.11 -20.42
C GLU A 105 -7.39 -55.67 -21.84
N ILE A 106 -6.38 -55.62 -22.69
CA ILE A 106 -6.59 -55.38 -24.11
C ILE A 106 -6.56 -56.73 -24.79
N LYS A 107 -7.70 -57.15 -25.34
CA LYS A 107 -7.78 -58.40 -26.07
C LYS A 107 -7.86 -58.07 -27.56
N ARG A 108 -6.94 -58.64 -28.33
CA ARG A 108 -6.78 -58.30 -29.73
C ARG A 108 -7.54 -59.25 -30.65
N GLU B 1 13.86 -30.95 -13.86
CA GLU B 1 12.47 -30.66 -13.52
C GLU B 1 12.22 -30.88 -12.03
N VAL B 2 12.10 -32.15 -11.64
CA VAL B 2 11.92 -32.54 -10.26
C VAL B 2 12.53 -33.91 -10.06
N GLN B 3 13.14 -34.12 -8.91
CA GLN B 3 13.79 -35.39 -8.61
C GLN B 3 13.50 -35.77 -7.17
N LEU B 4 12.94 -36.95 -6.96
CA LEU B 4 12.78 -37.52 -5.63
C LEU B 4 13.53 -38.83 -5.59
N VAL B 5 14.62 -38.85 -4.83
CA VAL B 5 15.44 -40.05 -4.68
C VAL B 5 15.41 -40.46 -3.21
N GLU B 6 15.65 -41.74 -2.98
CA GLU B 6 15.63 -42.31 -1.65
C GLU B 6 16.78 -43.28 -1.51
N SER B 7 17.06 -43.70 -0.29
CA SER B 7 18.20 -44.56 -0.02
C SER B 7 17.93 -45.34 1.26
N GLY B 8 18.88 -46.20 1.62
CA GLY B 8 18.84 -46.91 2.87
C GLY B 8 18.08 -48.22 2.84
N GLY B 9 17.19 -48.41 1.88
CA GLY B 9 16.37 -49.62 1.87
C GLY B 9 17.21 -50.85 1.56
N GLY B 10 16.84 -51.96 2.19
CA GLY B 10 17.55 -53.20 1.97
C GLY B 10 17.14 -54.23 3.00
N LEU B 11 17.60 -55.45 2.75
CA LEU B 11 17.29 -56.57 3.65
C LEU B 11 17.69 -56.26 5.08
N VAL B 12 16.84 -56.68 6.02
CA VAL B 12 17.13 -56.51 7.43
C VAL B 12 16.40 -57.58 8.22
N LYS B 13 16.95 -57.93 9.38
CA LYS B 13 16.38 -58.94 10.24
C LYS B 13 15.38 -58.32 11.21
N PRO B 14 14.46 -59.12 11.76
CA PRO B 14 13.45 -58.58 12.68
C PRO B 14 14.08 -57.82 13.84
N GLY B 15 13.39 -56.79 14.28
CA GLY B 15 13.81 -55.98 15.40
C GLY B 15 14.72 -54.82 15.05
N GLY B 16 15.40 -54.89 13.92
CA GLY B 16 16.34 -53.86 13.54
C GLY B 16 15.67 -52.54 13.23
N SER B 17 16.50 -51.55 12.93
CA SER B 17 16.04 -50.22 12.59
C SER B 17 16.83 -49.71 11.39
N LEU B 18 16.16 -48.92 10.56
CA LEU B 18 16.75 -48.50 9.30
C LEU B 18 16.22 -47.12 8.94
N LYS B 19 17.09 -46.28 8.41
CA LYS B 19 16.73 -44.90 8.10
C LYS B 19 16.63 -44.72 6.60
N LEU B 20 15.41 -44.54 6.12
CA LEU B 20 15.17 -44.19 4.73
C LEU B 20 15.25 -42.67 4.59
N SER B 21 16.08 -42.21 3.67
CA SER B 21 16.29 -40.78 3.48
C SER B 21 15.93 -40.40 2.05
N CYS B 22 15.10 -39.39 1.90
CA CYS B 22 14.64 -38.92 0.59
C CYS B 22 15.20 -37.54 0.32
N ALA B 23 15.72 -37.33 -0.88
CA ALA B 23 16.33 -36.07 -1.26
C ALA B 23 15.63 -35.53 -2.50
N ALA B 24 15.44 -34.22 -2.54
CA ALA B 24 14.63 -33.59 -3.58
C ALA B 24 15.38 -32.42 -4.20
N SER B 25 15.11 -32.18 -5.48
CA SER B 25 15.65 -31.03 -6.18
C SER B 25 14.70 -30.68 -7.32
N GLY B 26 14.72 -29.40 -7.70
CA GLY B 26 13.87 -28.94 -8.78
C GLY B 26 12.64 -28.19 -8.34
N PHE B 27 12.46 -27.96 -7.04
CA PHE B 27 11.35 -27.15 -6.56
C PHE B 27 11.71 -26.60 -5.20
N ALA B 28 10.95 -25.60 -4.76
CA ALA B 28 11.12 -25.11 -3.40
C ALA B 28 10.61 -26.17 -2.44
N PHE B 29 11.49 -26.65 -1.56
CA PHE B 29 11.20 -27.85 -0.78
C PHE B 29 10.58 -27.56 0.56
N SER B 30 10.53 -26.30 0.99
CA SER B 30 9.91 -25.99 2.25
C SER B 30 8.42 -25.69 2.10
N THR B 31 7.93 -25.60 0.87
CA THR B 31 6.56 -25.20 0.61
C THR B 31 5.61 -26.36 0.40
N TYR B 32 6.06 -27.59 0.54
CA TYR B 32 5.24 -28.76 0.24
C TYR B 32 5.25 -29.74 1.39
N ASP B 33 4.07 -30.23 1.74
CA ASP B 33 4.00 -31.33 2.67
C ASP B 33 4.58 -32.57 2.01
N MET B 34 4.97 -33.54 2.83
CA MET B 34 5.62 -34.73 2.32
C MET B 34 5.00 -35.94 3.00
N SER B 35 5.20 -37.12 2.41
CA SER B 35 4.65 -38.31 3.01
C SER B 35 5.39 -39.54 2.49
N TRP B 36 5.22 -40.65 3.20
CA TRP B 36 5.71 -41.94 2.76
C TRP B 36 4.56 -42.88 2.50
N VAL B 37 4.72 -43.76 1.51
CA VAL B 37 3.70 -44.73 1.14
C VAL B 37 4.40 -46.05 0.83
N ARG B 38 3.89 -47.14 1.37
CA ARG B 38 4.48 -48.46 1.13
C ARG B 38 3.50 -49.35 0.40
N GLN B 39 4.02 -50.16 -0.51
CA GLN B 39 3.20 -51.01 -1.37
C GLN B 39 3.50 -52.46 -1.03
N THR B 40 2.53 -53.14 -0.43
CA THR B 40 2.69 -54.52 -0.04
C THR B 40 2.88 -55.42 -1.26
N PRO B 41 3.43 -56.62 -1.07
CA PRO B 41 3.61 -57.53 -2.21
C PRO B 41 2.33 -57.82 -2.95
N GLU B 42 1.16 -57.65 -2.32
CA GLU B 42 -0.10 -57.79 -3.00
C GLU B 42 -0.46 -56.54 -3.78
N LYS B 43 0.41 -55.54 -3.74
CA LYS B 43 0.23 -54.22 -4.34
C LYS B 43 -0.81 -53.39 -3.62
N ARG B 44 -1.44 -53.92 -2.58
CA ARG B 44 -2.22 -53.07 -1.68
C ARG B 44 -1.34 -51.94 -1.18
N LEU B 45 -1.81 -50.72 -1.37
CA LEU B 45 -1.10 -49.52 -0.97
C LEU B 45 -1.68 -48.98 0.32
N GLU B 46 -0.82 -48.40 1.17
CA GLU B 46 -1.29 -47.82 2.41
C GLU B 46 -0.36 -46.70 2.82
N LEU B 47 -0.88 -45.78 3.62
CA LEU B 47 -0.09 -44.64 4.05
C LEU B 47 0.92 -45.08 5.11
N VAL B 48 1.94 -44.26 5.31
CA VAL B 48 2.99 -44.58 6.28
C VAL B 48 3.14 -43.46 7.29
N ALA B 49 3.48 -42.25 6.82
CA ALA B 49 3.63 -41.12 7.72
C ALA B 49 3.44 -39.84 6.92
N HIS B 50 3.21 -38.76 7.65
CA HIS B 50 2.96 -37.46 7.05
C HIS B 50 3.56 -36.37 7.93
N ILE B 51 4.07 -35.33 7.28
CA ILE B 51 4.62 -34.18 7.97
C ILE B 51 4.16 -32.94 7.23
N SER B 52 3.97 -31.86 7.98
CA SER B 52 3.56 -30.60 7.39
C SER B 52 4.72 -30.00 6.61
N SER B 53 4.47 -28.87 5.97
CA SER B 53 5.52 -28.23 5.19
C SER B 53 6.61 -27.68 6.08
N GLY B 54 6.23 -26.95 7.12
CA GLY B 54 7.19 -26.34 8.01
C GLY B 54 7.36 -27.06 9.32
N GLY B 55 7.00 -28.34 9.36
CA GLY B 55 7.17 -29.12 10.56
C GLY B 55 6.11 -28.90 11.62
N GLY B 56 4.97 -28.31 11.25
CA GLY B 56 3.96 -28.05 12.25
C GLY B 56 3.23 -29.29 12.69
N TYR B 57 2.84 -30.14 11.74
CA TYR B 57 1.94 -31.25 12.01
C TYR B 57 2.55 -32.54 11.48
N ILE B 58 2.44 -33.60 12.27
CA ILE B 58 3.00 -34.90 11.91
C ILE B 58 1.97 -35.97 12.25
N TYR B 59 1.59 -36.76 11.27
CA TYR B 59 0.53 -37.74 11.44
C TYR B 59 1.04 -39.15 11.20
N TYR B 60 0.63 -40.07 12.07
CA TYR B 60 0.97 -41.47 11.91
C TYR B 60 -0.30 -42.31 11.90
N PRO B 61 -0.38 -43.31 11.03
CA PRO B 61 -1.49 -44.27 11.11
C PRO B 61 -1.39 -45.07 12.39
N ASP B 62 -2.49 -45.74 12.71
CA ASP B 62 -2.57 -46.43 14.00
C ASP B 62 -1.61 -47.59 14.09
N THR B 63 -1.28 -48.23 12.96
CA THR B 63 -0.43 -49.41 13.01
C THR B 63 1.01 -49.04 13.31
N VAL B 64 1.53 -48.02 12.64
CA VAL B 64 2.93 -47.68 12.78
C VAL B 64 3.11 -46.68 13.91
N LYS B 65 2.02 -46.38 14.61
CA LYS B 65 2.05 -45.29 15.57
C LYS B 65 2.98 -45.63 16.72
N GLY B 66 3.93 -44.73 16.98
CA GLY B 66 4.92 -44.92 18.01
C GLY B 66 6.10 -45.77 17.61
N ARG B 67 5.94 -46.59 16.57
CA ARG B 67 7.06 -47.42 16.14
C ARG B 67 8.00 -46.67 15.20
N PHE B 68 7.52 -45.70 14.44
CA PHE B 68 8.37 -44.99 13.49
C PHE B 68 8.57 -43.54 13.91
N THR B 69 9.37 -42.83 13.14
CA THR B 69 9.52 -41.39 13.30
C THR B 69 9.91 -40.78 11.97
N ILE B 70 9.34 -39.62 11.65
CA ILE B 70 9.61 -38.92 10.42
C ILE B 70 10.06 -37.51 10.73
N SER B 71 10.97 -36.99 9.92
CA SER B 71 11.48 -35.64 10.11
C SER B 71 12.05 -35.16 8.80
N ARG B 72 12.18 -33.84 8.69
CA ARG B 72 12.69 -33.26 7.46
C ARG B 72 13.56 -32.07 7.79
N ASP B 73 14.42 -31.72 6.86
CA ASP B 73 15.30 -30.57 7.01
C ASP B 73 15.20 -29.70 5.77
N ASN B 74 14.72 -28.48 5.96
CA ASN B 74 14.53 -27.59 4.83
C ASN B 74 15.85 -27.06 4.29
N ALA B 75 16.92 -27.16 5.08
CA ALA B 75 18.22 -26.71 4.62
C ALA B 75 18.87 -27.76 3.71
N LYS B 76 18.70 -29.04 4.05
CA LYS B 76 19.33 -30.10 3.28
C LYS B 76 18.42 -30.66 2.20
N ASN B 77 17.18 -30.19 2.10
CA ASN B 77 16.23 -30.70 1.11
C ASN B 77 16.05 -32.20 1.25
N THR B 78 16.00 -32.67 2.50
CA THR B 78 15.92 -34.10 2.76
C THR B 78 14.67 -34.41 3.57
N LEU B 79 14.27 -35.67 3.50
CA LEU B 79 13.16 -36.19 4.31
C LEU B 79 13.62 -37.52 4.91
N TYR B 80 13.72 -37.57 6.22
CA TYR B 80 14.26 -38.73 6.92
C TYR B 80 13.14 -39.52 7.55
N LEU B 81 13.26 -40.83 7.54
CA LEU B 81 12.30 -41.70 8.21
C LEU B 81 13.05 -42.68 9.10
N GLN B 82 12.88 -42.55 10.41
CA GLN B 82 13.50 -43.45 11.37
C GLN B 82 12.49 -44.51 11.79
N MET B 83 12.81 -45.77 11.54
CA MET B 83 11.82 -46.83 11.72
C MET B 83 12.50 -48.02 12.37
N SER B 84 11.87 -48.56 13.42
CA SER B 84 12.47 -49.59 14.24
C SER B 84 11.47 -50.72 14.45
N SER B 85 11.90 -51.74 15.18
CA SER B 85 11.05 -52.85 15.61
C SER B 85 10.28 -53.44 14.44
N LEU B 86 10.99 -53.78 13.38
CA LEU B 86 10.33 -54.22 12.17
C LEU B 86 9.75 -55.61 12.34
N LYS B 87 8.47 -55.73 12.00
CA LYS B 87 7.79 -57.02 12.03
C LYS B 87 7.77 -57.61 10.63
N SER B 88 7.04 -58.70 10.46
CA SER B 88 6.96 -59.36 9.16
C SER B 88 6.32 -58.46 8.11
N GLU B 89 5.16 -57.91 8.42
CA GLU B 89 4.39 -57.16 7.43
C GLU B 89 5.02 -55.82 7.07
N ASP B 90 6.12 -55.46 7.70
CA ASP B 90 6.73 -54.17 7.39
C ASP B 90 7.51 -54.20 6.08
N THR B 91 7.56 -55.34 5.40
CA THR B 91 8.26 -55.43 4.13
C THR B 91 7.36 -55.00 2.98
N ALA B 92 7.89 -54.12 2.14
CA ALA B 92 7.20 -53.54 1.00
C ALA B 92 8.14 -52.53 0.37
N MET B 93 7.78 -51.92 -0.74
CA MET B 93 8.62 -50.87 -1.28
C MET B 93 8.03 -49.51 -0.92
N TYR B 94 8.90 -48.59 -0.54
CA TYR B 94 8.51 -47.33 0.07
C TYR B 94 8.73 -46.19 -0.91
N TYR B 95 7.68 -45.43 -1.18
CA TYR B 95 7.74 -44.32 -2.11
C TYR B 95 7.79 -43.00 -1.35
N CYS B 96 8.54 -42.05 -1.88
CA CYS B 96 8.66 -40.71 -1.30
C CYS B 96 7.82 -39.75 -2.14
N THR B 97 6.76 -39.22 -1.55
CA THR B 97 5.78 -38.45 -2.30
C THR B 97 5.75 -37.00 -1.85
N ARG B 98 4.88 -36.22 -2.50
CA ARG B 98 4.78 -34.79 -2.27
C ARG B 98 3.34 -34.34 -2.37
N GLN B 99 2.94 -33.41 -1.51
CA GLN B 99 1.60 -32.84 -1.51
C GLN B 99 1.67 -31.34 -1.32
N LYS B 100 0.55 -30.67 -1.63
CA LYS B 100 0.39 -29.27 -1.32
C LYS B 100 -0.39 -29.02 -0.03
N GLY B 101 -0.91 -30.06 0.60
CA GLY B 101 -1.66 -29.91 1.82
C GLY B 101 -1.96 -31.26 2.42
N LEU B 102 -2.89 -31.29 3.37
CA LEU B 102 -3.32 -32.58 3.88
C LEU B 102 -4.09 -33.36 2.83
N TYR B 103 -5.11 -32.74 2.26
CA TYR B 103 -6.11 -33.48 1.51
C TYR B 103 -5.90 -33.47 0.01
N TYR B 104 -4.87 -32.78 -0.47
CA TYR B 104 -4.54 -32.86 -1.87
C TYR B 104 -4.02 -34.26 -2.23
N GLY B 105 -4.27 -34.67 -3.46
CA GLY B 105 -3.71 -35.90 -3.94
C GLY B 105 -2.21 -35.82 -4.09
N PHE B 106 -1.57 -36.98 -4.07
CA PHE B 106 -0.12 -37.05 -4.16
C PHE B 106 0.29 -36.87 -5.62
N ASP B 107 1.02 -35.81 -5.93
CA ASP B 107 1.38 -35.62 -7.33
C ASP B 107 2.64 -36.37 -7.74
N TYR B 108 3.70 -36.34 -6.94
CA TYR B 108 4.94 -37.02 -7.32
C TYR B 108 5.23 -38.18 -6.40
N TRP B 109 6.00 -39.11 -6.94
CA TRP B 109 6.32 -40.35 -6.27
C TRP B 109 7.77 -40.69 -6.57
N GLY B 110 8.57 -40.91 -5.55
CA GLY B 110 9.91 -41.40 -5.77
C GLY B 110 9.88 -42.73 -6.50
N GLN B 111 11.00 -43.05 -7.13
CA GLN B 111 11.12 -44.34 -7.78
C GLN B 111 10.93 -45.48 -6.79
N GLY B 112 11.08 -45.22 -5.51
CA GLY B 112 10.76 -46.21 -4.48
C GLY B 112 11.94 -47.11 -4.18
N THR B 113 12.01 -47.56 -2.94
CA THR B 113 13.03 -48.49 -2.50
C THR B 113 12.37 -49.60 -1.70
N THR B 114 12.85 -50.82 -1.91
CA THR B 114 12.30 -51.98 -1.24
C THR B 114 12.79 -52.06 0.20
N LEU B 115 12.07 -52.86 0.98
CA LEU B 115 12.49 -53.19 2.34
C LEU B 115 12.04 -54.60 2.65
N THR B 116 12.88 -55.35 3.36
CA THR B 116 12.62 -56.76 3.59
C THR B 116 12.97 -57.13 5.02
N VAL B 117 12.04 -57.79 5.71
CA VAL B 117 12.23 -58.24 7.07
C VAL B 117 12.25 -59.76 7.06
N SER B 118 13.41 -60.35 7.32
CA SER B 118 13.53 -61.79 7.36
C SER B 118 14.76 -62.17 8.16
N SER B 119 14.81 -63.44 8.58
CA SER B 119 15.95 -63.97 9.32
C SER B 119 17.24 -63.87 8.53
N VAL C 71 -20.03 22.33 11.23
CA VAL C 71 -18.72 22.71 11.74
C VAL C 71 -18.15 21.58 12.58
N ASN C 72 -18.97 20.60 12.88
CA ASN C 72 -18.50 19.40 13.57
C ASN C 72 -18.24 18.25 12.63
N GLU C 73 -18.53 18.41 11.34
CA GLU C 73 -18.20 17.39 10.36
C GLU C 73 -16.89 17.65 9.65
N ALA C 74 -16.18 18.71 10.01
CA ALA C 74 -14.85 18.95 9.50
C ALA C 74 -13.75 18.46 10.42
N SER C 75 -14.10 17.86 11.56
CA SER C 75 -13.09 17.43 12.49
C SER C 75 -12.37 16.20 11.97
N VAL C 76 -11.07 16.12 12.25
CA VAL C 76 -10.31 14.94 11.83
C VAL C 76 -10.88 13.70 12.48
N GLU C 77 -11.47 13.83 13.66
CA GLU C 77 -12.00 12.65 14.33
C GLU C 77 -13.22 12.14 13.60
N HIS C 78 -14.13 13.04 13.22
CA HIS C 78 -15.28 12.62 12.43
C HIS C 78 -14.89 12.28 10.99
N PHE C 79 -13.81 12.84 10.47
CA PHE C 79 -13.53 12.66 9.06
C PHE C 79 -13.07 11.24 8.76
N TYR C 80 -12.38 10.60 9.70
CA TYR C 80 -11.97 9.22 9.51
C TYR C 80 -12.94 8.22 10.11
N SER C 81 -14.04 8.70 10.68
CA SER C 81 -14.91 7.89 11.54
C SER C 81 -15.37 6.57 10.95
N ARG C 82 -16.21 6.62 9.93
CA ARG C 82 -17.12 5.53 9.60
C ARG C 82 -16.38 4.25 9.26
N ALA C 83 -17.03 3.12 9.49
CA ALA C 83 -16.45 1.82 9.22
C ALA C 83 -16.54 1.47 7.75
N GLY C 84 -15.57 0.72 7.25
CA GLY C 84 -15.50 0.44 5.83
C GLY C 84 -14.88 -0.92 5.57
N LEU C 85 -14.85 -1.29 4.30
CA LEU C 85 -14.41 -2.63 3.91
C LEU C 85 -12.92 -2.59 3.63
N VAL C 86 -12.15 -3.24 4.49
CA VAL C 86 -10.69 -3.25 4.32
C VAL C 86 -10.25 -4.35 3.36
N GLY C 87 -10.90 -5.50 3.36
CA GLY C 87 -10.54 -6.55 2.44
C GLY C 87 -11.50 -7.71 2.50
N VAL C 88 -11.53 -8.47 1.41
CA VAL C 88 -12.39 -9.64 1.28
C VAL C 88 -11.50 -10.86 1.11
N VAL C 89 -11.66 -11.84 1.99
CA VAL C 89 -10.83 -13.04 1.96
C VAL C 89 -11.76 -14.25 1.93
N GLU C 90 -11.24 -15.37 1.43
CA GLU C 90 -12.03 -16.56 1.19
C GLU C 90 -11.24 -17.80 1.57
N VAL C 91 -11.89 -18.76 2.22
CA VAL C 91 -11.19 -19.98 2.63
C VAL C 91 -11.12 -20.99 1.49
N LYS C 92 -12.22 -21.19 0.76
CA LYS C 92 -12.33 -22.13 -0.35
C LYS C 92 -11.66 -23.47 -0.07
N ASP C 93 -12.28 -24.30 0.77
CA ASP C 93 -11.81 -25.65 1.04
C ASP C 93 -12.52 -26.73 0.24
N SER C 94 -13.43 -26.37 -0.66
CA SER C 94 -14.29 -27.36 -1.31
C SER C 94 -13.75 -27.82 -2.66
N GLY C 95 -13.54 -26.90 -3.58
CA GLY C 95 -13.22 -27.25 -4.96
C GLY C 95 -11.75 -27.59 -5.13
N THR C 96 -11.21 -27.25 -6.30
CA THR C 96 -9.85 -27.63 -6.63
C THR C 96 -8.83 -27.26 -5.56
N SER C 97 -9.11 -26.25 -4.75
CA SER C 97 -8.23 -25.87 -3.65
C SER C 97 -8.85 -26.38 -2.36
N LEU C 98 -8.22 -27.39 -1.77
CA LEU C 98 -8.72 -28.05 -0.58
C LEU C 98 -8.06 -27.58 0.70
N ASP C 99 -7.21 -26.55 0.64
CA ASP C 99 -6.34 -26.22 1.76
C ASP C 99 -7.11 -26.10 3.08
N GLY C 100 -8.11 -25.23 3.12
CA GLY C 100 -8.99 -25.19 4.26
C GLY C 100 -8.77 -24.06 5.25
N TYR C 101 -7.87 -23.13 4.98
CA TYR C 101 -7.71 -21.95 5.81
C TYR C 101 -7.17 -20.83 4.95
N THR C 102 -6.93 -19.69 5.59
CA THR C 102 -6.28 -18.58 4.91
C THR C 102 -5.70 -17.64 5.93
N VAL C 103 -4.72 -16.86 5.49
CA VAL C 103 -4.07 -15.86 6.33
C VAL C 103 -4.15 -14.53 5.60
N TRP C 104 -4.55 -13.48 6.31
CA TRP C 104 -4.83 -12.21 5.69
C TRP C 104 -4.05 -11.11 6.38
N PRO C 105 -2.86 -10.78 5.90
CA PRO C 105 -2.07 -9.74 6.56
C PRO C 105 -2.82 -8.42 6.52
N ILE C 106 -2.90 -7.77 7.68
CA ILE C 106 -3.72 -6.56 7.76
C ILE C 106 -3.10 -5.48 6.92
N ASP C 107 -3.87 -5.00 5.94
CA ASP C 107 -3.43 -3.91 5.07
C ASP C 107 -4.52 -2.87 5.07
N VAL C 108 -4.24 -1.72 5.66
CA VAL C 108 -5.25 -0.66 5.71
C VAL C 108 -5.34 0.02 4.35
N MET C 109 -4.23 0.10 3.62
CA MET C 109 -4.14 0.67 2.29
C MET C 109 -4.90 -0.11 1.23
N GLY C 110 -5.57 -1.21 1.59
CA GLY C 110 -6.05 -2.15 0.58
C GLY C 110 -6.74 -1.51 -0.60
N PHE C 111 -7.62 -0.55 -0.36
CA PHE C 111 -8.39 0.07 -1.44
C PHE C 111 -7.90 1.48 -1.68
N VAL C 112 -7.72 1.85 -2.95
CA VAL C 112 -7.11 3.12 -3.27
C VAL C 112 -7.94 4.28 -2.78
N GLN C 113 -9.19 4.05 -2.42
CA GLN C 113 -9.97 5.15 -1.86
C GLN C 113 -9.57 5.40 -0.41
N GLN C 114 -9.48 4.35 0.39
CA GLN C 114 -9.05 4.49 1.77
C GLN C 114 -7.61 4.93 1.85
N ARG C 115 -6.82 4.66 0.82
CA ARG C 115 -5.42 5.04 0.86
C ARG C 115 -5.25 6.54 0.66
N ARG C 116 -6.05 7.14 -0.20
CA ARG C 116 -5.86 8.55 -0.48
C ARG C 116 -6.31 9.44 0.66
N LYS C 117 -7.23 8.99 1.51
CA LYS C 117 -7.59 9.77 2.69
C LYS C 117 -6.58 9.63 3.81
N LEU C 118 -5.82 8.54 3.83
CA LEU C 118 -4.83 8.41 4.90
C LEU C 118 -3.59 9.24 4.61
N GLU C 119 -3.13 9.23 3.37
CA GLU C 119 -1.93 9.99 3.08
C GLU C 119 -2.10 11.49 3.25
N LEU C 120 -3.31 11.96 3.54
CA LEU C 120 -3.48 13.37 3.89
C LEU C 120 -2.59 13.77 5.06
N SER C 121 -2.43 12.88 6.04
CA SER C 121 -1.66 13.19 7.22
C SER C 121 -0.46 12.26 7.31
N THR C 122 0.66 12.78 7.81
CA THR C 122 1.88 11.99 7.81
C THR C 122 1.97 11.05 9.01
N TYR C 123 1.63 11.50 10.19
CA TYR C 123 1.74 10.69 11.40
C TYR C 123 0.38 10.59 12.05
N MET C 124 -0.05 9.37 12.37
CA MET C 124 -1.34 9.25 13.01
C MET C 124 -1.39 8.01 13.89
N ARG C 125 -2.15 8.12 14.97
CA ARG C 125 -2.15 7.19 16.08
C ARG C 125 -3.59 6.79 16.36
N PHE C 126 -3.94 5.53 16.14
CA PHE C 126 -5.34 5.17 16.27
C PHE C 126 -5.52 3.72 16.69
N ASP C 127 -6.58 3.47 17.42
CA ASP C 127 -7.00 2.12 17.75
C ASP C 127 -8.06 1.66 16.75
N ALA C 128 -8.02 0.38 16.42
CA ALA C 128 -8.89 -0.17 15.39
C ALA C 128 -9.89 -1.13 16.00
N GLU C 129 -10.99 -1.33 15.29
CA GLU C 129 -12.07 -2.21 15.70
C GLU C 129 -12.62 -2.94 14.48
N PHE C 130 -12.75 -4.26 14.57
CA PHE C 130 -13.00 -5.09 13.40
C PHE C 130 -14.33 -5.82 13.49
N THR C 131 -14.81 -6.26 12.34
CA THR C 131 -15.99 -7.11 12.28
C THR C 131 -15.91 -7.99 11.06
N PHE C 132 -16.36 -9.24 11.19
CA PHE C 132 -16.26 -10.24 10.13
C PHE C 132 -17.68 -10.68 9.79
N VAL C 133 -18.13 -10.36 8.58
CA VAL C 133 -19.45 -10.76 8.12
C VAL C 133 -19.28 -11.93 7.17
N SER C 134 -19.82 -13.08 7.52
CA SER C 134 -19.50 -14.31 6.83
C SER C 134 -20.77 -15.06 6.42
N ASN C 135 -20.63 -15.90 5.41
CA ASN C 135 -21.71 -16.67 4.82
C ASN C 135 -21.13 -17.53 3.71
N LEU C 136 -21.94 -18.45 3.20
CA LEU C 136 -21.51 -19.34 2.15
C LEU C 136 -21.60 -18.63 0.81
N SER C 137 -21.51 -19.40 -0.27
CA SER C 137 -21.66 -18.86 -1.61
C SER C 137 -23.10 -18.60 -1.99
N ASN C 138 -24.06 -19.03 -1.19
CA ASN C 138 -25.46 -18.80 -1.47
C ASN C 138 -26.03 -17.60 -0.74
N SER C 139 -25.20 -16.89 0.01
CA SER C 139 -25.66 -15.98 1.05
C SER C 139 -26.48 -16.71 2.08
N THR C 140 -26.26 -18.02 2.19
CA THR C 140 -26.94 -18.88 3.14
C THR C 140 -25.99 -19.19 4.27
N THR C 141 -26.48 -19.07 5.49
CA THR C 141 -25.64 -19.16 6.68
C THR C 141 -26.12 -20.27 7.60
N PRO C 142 -25.77 -21.52 7.32
CA PRO C 142 -26.04 -22.58 8.27
C PRO C 142 -25.02 -22.54 9.39
N GLY C 143 -25.37 -23.10 10.53
CA GLY C 143 -24.44 -23.16 11.63
C GLY C 143 -23.29 -24.08 11.29
N MET C 144 -22.07 -23.54 11.27
CA MET C 144 -20.86 -24.34 11.26
C MET C 144 -19.76 -23.47 11.81
N LEU C 145 -18.82 -24.08 12.52
CA LEU C 145 -17.97 -23.35 13.45
C LEU C 145 -16.76 -22.76 12.72
N LEU C 146 -16.35 -21.58 13.13
CA LEU C 146 -15.15 -20.94 12.60
C LEU C 146 -14.24 -20.49 13.73
N GLN C 147 -12.94 -20.56 13.49
CA GLN C 147 -11.94 -20.07 14.41
C GLN C 147 -11.22 -18.88 13.79
N TYR C 148 -11.45 -17.69 14.33
CA TYR C 148 -10.72 -16.50 13.89
C TYR C 148 -9.58 -16.30 14.86
N MET C 149 -8.35 -16.44 14.39
CA MET C 149 -7.19 -16.24 15.25
C MET C 149 -6.49 -14.96 14.84
N TYR C 150 -5.91 -14.27 15.79
CA TYR C 150 -5.15 -13.05 15.54
C TYR C 150 -3.69 -13.31 15.88
N VAL C 151 -2.84 -13.37 14.86
CA VAL C 151 -1.42 -13.56 15.06
C VAL C 151 -0.79 -12.20 15.31
N PRO C 152 -0.35 -11.90 16.52
CA PRO C 152 0.23 -10.60 16.79
C PRO C 152 1.52 -10.42 16.01
N PRO C 153 1.96 -9.19 15.78
CA PRO C 153 3.18 -8.98 15.01
C PRO C 153 4.38 -9.57 15.72
N GLY C 154 5.16 -10.34 14.99
CA GLY C 154 6.33 -10.98 15.54
C GLY C 154 6.15 -12.39 16.03
N ALA C 155 5.11 -13.09 15.61
CA ALA C 155 4.94 -14.48 16.00
C ALA C 155 4.68 -15.32 14.75
N PRO C 156 5.08 -16.59 14.78
CA PRO C 156 5.03 -17.40 13.56
C PRO C 156 3.61 -17.70 13.12
N LYS C 157 3.44 -17.88 11.81
CA LYS C 157 2.18 -18.11 11.13
C LYS C 157 1.87 -19.59 11.02
N PRO C 158 0.60 -19.95 10.85
CA PRO C 158 0.25 -21.37 10.71
C PRO C 158 0.72 -21.94 9.39
N ASP C 159 1.31 -23.14 9.46
CA ASP C 159 1.74 -23.82 8.25
C ASP C 159 0.57 -24.41 7.48
N GLY C 160 -0.24 -25.21 8.17
CA GLY C 160 -1.33 -25.92 7.54
C GLY C 160 -2.47 -26.06 8.52
N ARG C 161 -3.63 -26.48 8.00
CA ARG C 161 -4.86 -26.37 8.77
C ARG C 161 -4.76 -27.02 10.14
N LYS C 162 -3.89 -28.02 10.30
CA LYS C 162 -3.73 -28.69 11.59
C LYS C 162 -2.51 -28.21 12.37
N SER C 163 -1.75 -27.26 11.85
CA SER C 163 -0.47 -26.90 12.44
C SER C 163 -0.64 -26.52 13.92
N TYR C 164 0.35 -26.84 14.72
CA TYR C 164 0.20 -26.61 16.16
C TYR C 164 0.11 -25.13 16.50
N GLN C 165 0.42 -24.24 15.57
CA GLN C 165 0.26 -22.83 15.87
C GLN C 165 -1.19 -22.46 16.12
N TRP C 166 -2.13 -23.24 15.59
CA TRP C 166 -3.53 -22.87 15.75
C TRP C 166 -3.98 -22.88 17.19
N GLN C 167 -3.14 -23.33 18.11
CA GLN C 167 -3.60 -23.35 19.49
C GLN C 167 -2.71 -22.46 20.36
N THR C 168 -1.50 -22.91 20.69
CA THR C 168 -0.59 -22.14 21.54
C THR C 168 -1.34 -21.63 22.76
N ALA C 169 -1.03 -20.39 23.16
CA ALA C 169 -1.79 -19.66 24.16
C ALA C 169 -1.98 -18.23 23.67
N THR C 170 -0.84 -17.56 23.47
CA THR C 170 -0.76 -16.12 23.26
C THR C 170 -1.49 -15.62 22.03
N ASN C 171 -1.94 -16.49 21.13
CA ASN C 171 -2.66 -16.02 19.96
C ASN C 171 -4.14 -15.90 20.31
N PRO C 172 -4.68 -14.69 20.45
CA PRO C 172 -6.07 -14.55 20.86
C PRO C 172 -6.99 -15.00 19.73
N SER C 173 -7.99 -15.78 20.07
CA SER C 173 -8.87 -16.33 19.05
C SER C 173 -10.32 -16.08 19.42
N VAL C 174 -11.18 -16.22 18.42
CA VAL C 174 -12.61 -15.95 18.54
C VAL C 174 -13.32 -17.11 17.89
N PHE C 175 -14.09 -17.86 18.67
CA PHE C 175 -14.86 -18.98 18.15
C PHE C 175 -16.30 -18.54 17.97
N ALA C 176 -16.77 -18.51 16.73
CA ALA C 176 -18.10 -18.00 16.45
C ALA C 176 -18.77 -18.85 15.38
N LYS C 177 -19.97 -19.32 15.66
CA LYS C 177 -20.73 -19.97 14.62
C LYS C 177 -21.16 -18.96 13.58
N LEU C 178 -21.48 -19.45 12.38
CA LEU C 178 -22.02 -18.56 11.36
C LEU C 178 -23.39 -18.04 11.75
N SER C 179 -24.19 -18.84 12.43
CA SER C 179 -25.55 -18.44 12.75
C SER C 179 -25.57 -17.19 13.61
N ASP C 180 -24.55 -17.00 14.44
CA ASP C 180 -24.52 -15.86 15.34
C ASP C 180 -24.31 -14.57 14.57
N PRO C 181 -24.71 -13.43 15.14
CA PRO C 181 -24.36 -12.15 14.56
C PRO C 181 -22.86 -11.96 14.57
N PRO C 182 -22.33 -11.04 13.76
CA PRO C 182 -20.91 -11.08 13.42
C PRO C 182 -20.03 -10.83 14.63
N PRO C 183 -18.86 -11.47 14.67
CA PRO C 183 -17.90 -11.16 15.73
C PRO C 183 -17.43 -9.72 15.63
N GLN C 184 -16.86 -9.24 16.72
CA GLN C 184 -16.33 -7.89 16.74
C GLN C 184 -15.22 -7.87 17.77
N VAL C 185 -14.19 -7.06 17.55
CA VAL C 185 -13.01 -7.09 18.40
C VAL C 185 -12.27 -5.77 18.25
N SER C 186 -11.42 -5.45 19.23
CA SER C 186 -10.76 -4.16 19.30
C SER C 186 -9.26 -4.37 19.45
N VAL C 187 -8.49 -3.91 18.48
CA VAL C 187 -7.04 -4.04 18.47
C VAL C 187 -6.44 -2.77 19.07
N PRO C 188 -5.46 -2.88 19.93
CA PRO C 188 -4.79 -1.68 20.44
C PRO C 188 -3.78 -1.12 19.44
N PHE C 189 -2.98 -0.17 19.89
CA PHE C 189 -1.97 0.47 19.07
C PHE C 189 -0.66 -0.30 19.19
N MET C 190 -0.21 -0.91 18.08
CA MET C 190 0.86 -1.89 18.13
C MET C 190 2.24 -1.33 17.79
N SER C 191 2.36 -0.11 17.52
CA SER C 191 3.68 0.17 16.99
C SER C 191 4.67 0.55 18.09
N PRO C 192 5.96 0.28 17.90
CA PRO C 192 6.96 0.74 18.87
C PRO C 192 7.07 2.26 18.92
N ALA C 193 7.12 2.90 17.76
CA ALA C 193 7.22 4.35 17.72
C ALA C 193 5.91 4.97 18.20
N THR C 194 5.99 6.23 18.60
CA THR C 194 4.83 6.87 19.19
C THR C 194 3.69 7.07 18.21
N ALA C 195 3.92 6.85 16.91
CA ALA C 195 2.85 6.96 15.94
C ALA C 195 3.23 6.18 14.69
N TYR C 196 2.22 5.85 13.89
CA TYR C 196 2.51 5.26 12.59
C TYR C 196 3.18 6.29 11.70
N GLN C 197 3.85 5.80 10.66
CA GLN C 197 4.40 6.67 9.63
C GLN C 197 3.96 6.17 8.27
N TRP C 198 3.21 6.99 7.55
CA TRP C 198 2.86 6.60 6.20
C TRP C 198 3.92 7.01 5.19
N PHE C 199 4.85 7.88 5.58
CA PHE C 199 5.99 8.23 4.73
C PHE C 199 7.25 8.15 5.57
N TYR C 200 8.11 7.20 5.25
CA TYR C 200 9.39 7.03 5.92
C TYR C 200 10.47 7.21 4.87
N ASP C 201 11.22 8.29 4.96
CA ASP C 201 12.36 8.45 4.09
C ASP C 201 13.47 7.52 4.56
N GLY C 202 14.40 7.25 3.65
CA GLY C 202 15.62 6.57 4.02
C GLY C 202 15.43 5.07 4.24
N TYR C 203 16.53 4.39 4.31
CA TYR C 203 16.61 2.95 4.26
C TYR C 203 16.48 2.35 5.65
N PRO C 204 15.91 1.15 5.77
CA PRO C 204 15.69 0.57 7.09
C PRO C 204 16.95 0.10 7.77
N THR C 205 18.03 -0.11 7.04
CA THR C 205 19.24 -0.68 7.64
C THR C 205 20.31 0.37 7.88
N ASN C 214 17.85 -1.71 -3.44
CA ASN C 214 16.97 -0.56 -3.48
C ASN C 214 15.52 -0.94 -3.26
N LEU C 215 15.27 -2.23 -3.07
CA LEU C 215 13.94 -2.64 -2.67
C LEU C 215 13.57 -2.02 -1.34
N GLN C 216 14.56 -1.68 -0.53
CA GLN C 216 14.31 -1.29 0.85
C GLN C 216 13.82 0.13 0.98
N TYR C 217 14.14 0.99 0.02
CA TYR C 217 13.94 2.43 0.21
C TYR C 217 12.51 2.74 0.60
N GLY C 218 12.36 3.48 1.69
CA GLY C 218 11.04 3.90 2.10
C GLY C 218 10.12 2.76 2.49
N GLN C 219 10.52 1.96 3.47
CA GLN C 219 9.68 0.90 3.99
C GLN C 219 9.70 0.93 5.50
N CYS C 220 8.51 1.03 6.12
CA CYS C 220 8.40 1.06 7.57
C CYS C 220 8.35 -0.36 8.08
N PRO C 221 9.37 -0.85 8.77
CA PRO C 221 9.27 -2.19 9.35
C PRO C 221 8.31 -2.26 10.50
N ASN C 222 8.00 -1.12 11.14
CA ASN C 222 7.33 -1.08 12.42
C ASN C 222 5.83 -0.91 12.33
N ASN C 223 5.24 -1.01 11.15
CA ASN C 223 3.79 -0.84 11.01
C ASN C 223 2.99 -2.13 10.98
N MET C 224 3.63 -3.29 11.01
CA MET C 224 2.89 -4.54 10.87
C MET C 224 1.90 -4.73 12.02
N MET C 225 0.64 -4.96 11.68
CA MET C 225 -0.42 -5.12 12.66
C MET C 225 -0.89 -6.55 12.91
N GLY C 226 -0.41 -7.55 12.18
CA GLY C 226 -0.84 -8.91 12.43
C GLY C 226 -1.77 -9.45 11.35
N HIS C 227 -1.86 -10.78 11.29
CA HIS C 227 -2.37 -11.45 10.10
C HIS C 227 -3.78 -12.05 10.14
N PHE C 228 -4.47 -12.10 11.28
CA PHE C 228 -5.85 -12.61 11.33
C PHE C 228 -6.08 -13.92 10.57
N ALA C 229 -5.31 -14.95 10.88
CA ALA C 229 -5.52 -16.24 10.23
C ALA C 229 -6.85 -16.90 10.58
N ILE C 230 -7.60 -17.35 9.56
CA ILE C 230 -8.85 -18.06 9.74
C ILE C 230 -9.03 -19.49 9.28
N ARG C 231 -9.86 -20.28 9.97
CA ARG C 231 -10.04 -21.68 9.63
C ARG C 231 -11.35 -22.21 10.18
N THR C 232 -11.82 -23.29 9.57
CA THR C 232 -13.08 -23.89 9.97
C THR C 232 -12.86 -25.18 10.75
N VAL C 233 -13.18 -25.14 12.04
CA VAL C 233 -12.90 -26.20 12.99
C VAL C 233 -13.41 -27.55 12.53
N SER C 234 -14.54 -27.59 11.82
CA SER C 234 -15.13 -28.87 11.45
C SER C 234 -14.08 -29.72 10.77
N GLU C 235 -14.11 -31.01 11.06
CA GLU C 235 -12.86 -31.76 11.17
C GLU C 235 -12.15 -31.95 9.83
N SER C 236 -12.82 -32.51 8.81
CA SER C 236 -12.12 -32.72 7.55
C SER C 236 -12.98 -32.48 6.32
N THR C 237 -12.46 -31.66 5.41
CA THR C 237 -12.98 -31.41 4.07
C THR C 237 -14.49 -31.26 4.04
N THR C 238 -14.98 -30.17 4.60
CA THR C 238 -16.32 -29.77 4.28
C THR C 238 -16.40 -29.41 2.80
N GLY C 239 -17.59 -29.49 2.23
CA GLY C 239 -17.71 -29.18 0.83
C GLY C 239 -18.12 -27.75 0.56
N LYS C 240 -17.88 -26.86 1.52
CA LYS C 240 -18.45 -25.53 1.50
C LYS C 240 -17.36 -24.48 1.47
N ASN C 241 -17.27 -23.73 0.38
CA ASN C 241 -16.43 -22.54 0.36
C ASN C 241 -17.10 -21.43 1.15
N VAL C 242 -16.38 -20.82 2.07
CA VAL C 242 -16.95 -19.82 2.96
C VAL C 242 -16.32 -18.48 2.65
N HIS C 243 -17.09 -17.57 2.06
CA HIS C 243 -16.62 -16.22 1.91
C HIS C 243 -16.66 -15.50 3.25
N VAL C 244 -15.84 -14.47 3.40
CA VAL C 244 -15.90 -13.63 4.58
C VAL C 244 -15.41 -12.24 4.21
N ARG C 245 -16.07 -11.23 4.77
CA ARG C 245 -15.73 -9.83 4.59
C ARG C 245 -15.19 -9.29 5.89
N VAL C 246 -14.31 -8.29 5.82
CA VAL C 246 -13.67 -7.76 7.01
C VAL C 246 -13.82 -6.26 7.03
N TYR C 247 -14.46 -5.74 8.06
CA TYR C 247 -14.66 -4.30 8.21
C TYR C 247 -13.76 -3.75 9.30
N MET C 248 -13.31 -2.52 9.10
CA MET C 248 -12.48 -1.81 10.05
C MET C 248 -13.10 -0.46 10.34
N ARG C 249 -12.94 0.01 11.57
CA ARG C 249 -13.20 1.41 11.87
C ARG C 249 -12.18 1.93 12.86
N ILE C 250 -11.85 3.20 12.72
CA ILE C 250 -10.72 3.83 13.39
C ILE C 250 -11.25 4.63 14.56
N LYS C 251 -10.81 4.31 15.78
CA LYS C 251 -11.20 5.14 16.89
C LYS C 251 -10.04 6.01 17.36
N HIS C 252 -10.36 6.94 18.25
CA HIS C 252 -9.40 7.76 18.98
C HIS C 252 -8.28 8.32 18.13
N VAL C 253 -8.57 8.76 16.90
CA VAL C 253 -7.50 9.10 15.97
C VAL C 253 -6.92 10.46 16.30
N ARG C 254 -5.61 10.60 16.10
CA ARG C 254 -4.89 11.86 16.29
C ARG C 254 -3.92 11.99 15.14
N ALA C 255 -3.98 13.09 14.40
CA ALA C 255 -3.18 13.26 13.20
C ALA C 255 -2.13 14.32 13.38
N TRP C 256 -1.01 14.15 12.69
CA TRP C 256 0.05 15.16 12.69
C TRP C 256 0.41 15.51 11.27
N VAL C 257 1.54 16.19 11.06
CA VAL C 257 1.72 17.21 10.03
C VAL C 257 1.03 16.88 8.72
N PRO C 258 0.26 17.81 8.17
CA PRO C 258 -0.55 17.53 6.99
C PRO C 258 0.27 17.49 5.71
N ARG C 259 -0.34 16.90 4.69
CA ARG C 259 0.30 16.54 3.46
C ARG C 259 -0.72 16.80 2.35
N PRO C 260 -0.31 17.25 1.18
CA PRO C 260 -1.27 17.47 0.11
C PRO C 260 -1.69 16.17 -0.56
N LEU C 261 -2.93 16.18 -1.06
CA LEU C 261 -3.51 14.98 -1.64
C LEU C 261 -2.80 14.61 -2.93
N ARG C 262 -2.96 13.35 -3.33
CA ARG C 262 -2.22 12.82 -4.48
C ARG C 262 -3.01 13.02 -5.76
N SER C 263 -2.40 13.69 -6.74
CA SER C 263 -3.04 13.87 -8.05
C SER C 263 -2.82 12.68 -8.97
N GLN C 264 -1.62 12.14 -9.01
CA GLN C 264 -1.32 11.12 -10.00
C GLN C 264 -1.88 9.77 -9.59
N ALA C 265 -2.15 8.93 -10.59
CA ALA C 265 -2.66 7.60 -10.35
C ALA C 265 -1.61 6.74 -9.67
N TYR C 266 -2.07 5.68 -9.01
CA TYR C 266 -1.18 4.74 -8.36
C TYR C 266 -0.78 3.63 -9.31
N MET C 267 0.49 3.22 -9.23
CA MET C 267 0.96 2.06 -9.96
C MET C 267 0.96 0.80 -9.10
N VAL C 268 1.76 0.78 -8.04
CA VAL C 268 1.91 -0.43 -7.25
C VAL C 268 1.55 -0.10 -5.80
N LYS C 269 1.55 -1.11 -4.93
CA LYS C 269 1.00 -0.93 -3.59
C LYS C 269 1.94 -0.14 -2.67
N ASN C 270 3.19 -0.56 -2.59
CA ASN C 270 4.08 -0.06 -1.54
C ASN C 270 4.93 1.11 -1.98
N TYR C 271 4.77 1.59 -3.20
CA TYR C 271 5.66 2.65 -3.63
C TYR C 271 4.85 3.75 -4.30
N PRO C 272 5.29 5.01 -4.17
CA PRO C 272 4.57 6.11 -4.81
C PRO C 272 4.63 6.09 -6.32
N THR C 273 5.45 5.24 -6.94
CA THR C 273 5.83 5.42 -8.34
C THR C 273 4.63 5.72 -9.22
N TYR C 274 4.77 6.73 -10.06
CA TYR C 274 3.69 7.23 -10.88
C TYR C 274 4.04 7.07 -12.34
N SER C 275 3.02 6.99 -13.18
CA SER C 275 3.21 6.69 -14.59
C SER C 275 4.01 7.78 -15.28
N GLN C 276 4.66 7.42 -16.38
CA GLN C 276 5.43 8.40 -17.13
C GLN C 276 4.54 9.55 -17.59
N THR C 277 3.57 9.25 -18.45
CA THR C 277 2.65 10.27 -18.95
C THR C 277 1.91 10.94 -17.80
N ILE C 278 2.01 12.24 -17.75
CA ILE C 278 1.43 13.04 -16.67
C ILE C 278 0.00 13.38 -17.02
N THR C 279 -0.86 13.44 -16.02
CA THR C 279 -2.23 13.89 -16.18
C THR C 279 -2.39 15.26 -15.53
N ASN C 280 -3.05 16.17 -16.23
CA ASN C 280 -3.26 17.49 -15.68
C ASN C 280 -4.19 17.43 -14.49
N THR C 281 -4.10 18.42 -13.61
CA THR C 281 -4.98 18.45 -12.46
C THR C 281 -6.36 18.99 -12.81
N ALA C 282 -6.43 20.01 -13.66
CA ALA C 282 -7.69 20.62 -14.03
C ALA C 282 -8.08 20.25 -15.45
N THR C 283 -9.38 20.16 -15.69
CA THR C 283 -9.87 19.81 -17.01
C THR C 283 -9.86 21.04 -17.91
N ASP C 284 -9.26 20.90 -19.08
CA ASP C 284 -8.98 22.07 -19.91
C ASP C 284 -10.26 22.69 -20.46
N ARG C 285 -10.15 23.95 -20.86
CA ARG C 285 -11.22 24.68 -21.53
C ARG C 285 -10.69 25.24 -22.84
N ALA C 286 -11.54 26.01 -23.52
CA ALA C 286 -11.21 26.45 -24.88
C ALA C 286 -10.09 27.47 -24.88
N SER C 287 -10.23 28.54 -24.11
CA SER C 287 -9.25 29.61 -24.07
C SER C 287 -9.10 30.10 -22.64
N ILE C 288 -8.08 30.93 -22.42
CA ILE C 288 -7.91 31.58 -21.13
C ILE C 288 -9.11 32.44 -20.76
N THR C 289 -10.00 32.71 -21.72
CA THR C 289 -11.10 33.64 -21.54
C THR C 289 -12.43 32.94 -21.28
N THR C 290 -12.91 32.15 -22.24
CA THR C 290 -14.30 31.68 -22.22
C THR C 290 -14.57 30.83 -20.99
N THR C 291 -15.71 31.09 -20.36
CA THR C 291 -16.20 30.31 -19.23
C THR C 291 -17.57 29.78 -19.59
N ASP C 292 -17.72 28.47 -19.57
CA ASP C 292 -19.01 27.82 -19.81
C ASP C 292 -19.60 28.20 -21.16
N ASN D 30 8.72 37.92 7.65
CA ASN D 30 10.17 38.07 7.65
C ASN D 30 10.84 36.74 7.92
N ILE D 31 10.30 35.99 8.87
CA ILE D 31 10.81 34.69 9.26
C ILE D 31 9.63 33.76 9.49
N VAL D 32 9.73 32.53 9.04
CA VAL D 32 8.67 31.56 9.19
C VAL D 32 9.15 30.49 10.16
N LEU D 33 8.58 30.47 11.36
CA LEU D 33 8.77 29.34 12.26
C LEU D 33 7.91 28.20 11.76
N SER D 34 8.54 27.07 11.46
CA SER D 34 7.76 25.95 10.97
C SER D 34 6.89 25.41 12.09
N TYR D 35 5.59 25.38 11.85
CA TYR D 35 4.62 24.80 12.77
C TYR D 35 4.61 25.52 14.12
N GLY D 36 5.02 26.79 14.15
CA GLY D 36 4.83 27.62 15.31
C GLY D 36 5.61 27.21 16.54
N GLU D 37 6.81 26.65 16.38
CA GLU D 37 7.61 26.26 17.52
C GLU D 37 9.07 26.58 17.29
N TRP D 38 9.80 26.71 18.39
CA TRP D 38 11.25 26.85 18.45
C TRP D 38 11.88 25.53 18.81
N PRO D 39 12.92 25.09 18.11
CA PRO D 39 13.55 23.82 18.46
C PRO D 39 14.16 23.89 19.84
N GLU D 40 14.18 22.75 20.53
CA GLU D 40 14.63 22.74 21.91
C GLU D 40 15.21 21.38 22.24
N TYR D 41 15.96 21.35 23.35
CA TYR D 41 16.49 20.12 23.89
C TYR D 41 15.35 19.25 24.42
N CYS D 42 15.65 17.97 24.61
CA CYS D 42 14.67 16.99 25.10
C CYS D 42 15.17 16.42 26.41
N PRO D 43 14.80 17.03 27.54
CA PRO D 43 15.19 16.53 28.85
C PRO D 43 14.58 15.16 29.16
N LYS D 52 23.98 9.67 28.74
CA LYS D 52 23.91 11.12 28.76
C LYS D 52 24.30 11.69 27.41
N PRO D 53 23.32 12.20 26.66
CA PRO D 53 23.60 12.75 25.34
C PRO D 53 24.45 14.00 25.45
N THR D 54 25.46 14.11 24.59
CA THR D 54 26.34 15.26 24.64
C THR D 54 25.79 16.40 23.79
N ARG D 55 25.94 17.62 24.30
CA ARG D 55 25.51 18.80 23.57
C ARG D 55 26.75 19.51 23.05
N PRO D 56 27.04 19.43 21.76
CA PRO D 56 28.32 19.98 21.28
C PRO D 56 28.40 21.49 21.39
N ASP D 57 27.33 22.19 21.03
CA ASP D 57 27.30 23.65 21.05
C ASP D 57 28.50 24.16 20.26
N VAL D 58 29.15 25.22 20.73
CA VAL D 58 30.46 25.65 20.25
C VAL D 58 30.45 25.78 18.73
N SER D 59 31.21 24.91 18.05
CA SER D 59 31.54 25.13 16.65
C SER D 59 30.60 24.44 15.67
N VAL D 60 29.60 23.69 16.15
CA VAL D 60 28.56 23.20 15.24
C VAL D 60 27.41 24.17 15.14
N ASN D 61 27.49 25.32 15.80
CA ASN D 61 26.48 26.37 15.70
C ASN D 61 26.84 27.41 14.64
N ARG D 62 27.98 27.27 13.99
CA ARG D 62 28.39 28.23 12.98
C ARG D 62 27.67 27.96 11.67
N PHE D 63 27.55 29.01 10.87
CA PHE D 63 26.92 28.87 9.56
C PHE D 63 27.79 28.03 8.65
N TYR D 64 27.15 27.31 7.74
CA TYR D 64 27.83 26.63 6.66
C TYR D 64 27.31 27.17 5.34
N THR D 65 28.21 27.43 4.41
CA THR D 65 27.81 28.03 3.13
C THR D 65 28.02 27.02 2.03
N LEU D 66 26.93 26.48 1.52
CA LEU D 66 26.99 25.49 0.46
C LEU D 66 27.31 26.16 -0.87
N SER D 67 27.76 25.36 -1.82
CA SER D 67 28.12 25.88 -3.14
C SER D 67 26.92 26.56 -3.78
N THR D 68 27.22 27.52 -4.65
CA THR D 68 26.20 28.41 -5.19
C THR D 68 25.65 27.87 -6.49
N LYS D 69 24.37 27.50 -6.49
CA LYS D 69 23.70 27.02 -7.68
C LYS D 69 23.32 28.18 -8.58
N SER D 70 23.46 27.96 -9.89
CA SER D 70 23.17 28.98 -10.89
C SER D 70 21.82 28.71 -11.50
N TRP D 71 20.90 29.66 -11.34
CA TRP D 71 19.54 29.55 -11.85
C TRP D 71 19.44 30.23 -13.20
N LYS D 72 19.29 29.42 -14.24
CA LYS D 72 19.27 29.88 -15.62
C LYS D 72 17.82 30.11 -16.03
N THR D 73 17.60 30.43 -17.30
CA THR D 73 16.22 30.55 -17.78
C THR D 73 15.60 29.20 -18.02
N GLU D 74 16.40 28.20 -18.38
CA GLU D 74 15.90 26.87 -18.64
C GLU D 74 15.83 26.00 -17.39
N SER D 75 16.55 26.38 -16.34
CA SER D 75 16.74 25.49 -15.20
C SER D 75 15.43 25.27 -14.45
N THR D 76 15.30 24.09 -13.85
CA THR D 76 14.12 23.73 -13.08
C THR D 76 14.49 23.05 -11.78
N GLY D 77 14.20 23.70 -10.66
CA GLY D 77 14.18 23.03 -9.39
C GLY D 77 15.51 22.64 -8.78
N TRP D 78 15.51 22.44 -7.46
CA TRP D 78 16.63 21.83 -6.74
C TRP D 78 16.05 21.25 -5.47
N TYR D 79 16.77 20.27 -4.90
CA TYR D 79 16.39 19.82 -3.57
C TYR D 79 17.60 19.20 -2.90
N TRP D 80 17.53 19.11 -1.58
CA TRP D 80 18.71 18.78 -0.79
C TRP D 80 18.50 17.59 0.14
N LYS D 81 17.49 17.63 0.99
CA LYS D 81 17.21 16.55 1.92
C LYS D 81 18.30 16.37 2.96
N PHE D 82 18.46 17.34 3.85
CA PHE D 82 19.33 17.15 5.00
C PHE D 82 18.59 16.59 6.18
N PRO D 83 19.31 15.96 7.13
CA PRO D 83 20.70 15.88 7.61
C PRO D 83 21.78 15.46 6.63
N ASP D 84 21.44 14.98 5.44
CA ASP D 84 22.44 14.53 4.48
C ASP D 84 23.54 15.57 4.27
N VAL D 85 23.17 16.79 3.88
CA VAL D 85 24.15 17.70 3.28
C VAL D 85 25.33 17.94 4.19
N LEU D 86 25.16 17.79 5.49
CA LEU D 86 26.23 18.07 6.43
C LEU D 86 27.01 16.84 6.84
N ASN D 87 26.74 15.68 6.24
CA ASN D 87 27.42 14.47 6.69
C ASN D 87 28.91 14.51 6.37
N ASP D 88 29.29 15.05 5.22
CA ASP D 88 30.72 15.16 4.92
C ASP D 88 31.35 16.38 5.56
N THR D 89 30.65 17.51 5.55
CA THR D 89 31.29 18.79 5.83
C THR D 89 31.58 18.97 7.31
N GLY D 90 32.61 19.75 7.59
CA GLY D 90 32.85 20.35 8.88
C GLY D 90 33.02 19.37 10.02
N VAL D 91 32.96 19.95 11.22
CA VAL D 91 32.98 19.14 12.44
C VAL D 91 31.66 18.43 12.61
N PHE D 92 30.59 18.96 12.03
CA PHE D 92 29.29 18.30 12.16
C PHE D 92 29.36 16.88 11.64
N GLY D 93 29.81 16.72 10.39
CA GLY D 93 29.94 15.38 9.85
C GLY D 93 30.81 14.48 10.69
N GLN D 94 31.75 15.05 11.43
CA GLN D 94 32.55 14.25 12.34
C GLN D 94 31.71 13.76 13.50
N ASN D 95 30.69 14.51 13.89
CA ASN D 95 29.79 14.01 14.92
C ASN D 95 28.81 13.00 14.36
N ALA D 96 28.21 13.31 13.21
CA ALA D 96 27.09 12.50 12.75
C ALA D 96 27.53 11.14 12.23
N GLN D 97 28.78 11.02 11.78
CA GLN D 97 29.24 9.72 11.29
C GLN D 97 29.62 8.79 12.43
N PHE D 98 30.14 9.32 13.52
CA PHE D 98 30.65 8.48 14.60
C PHE D 98 29.66 8.31 15.74
N HIS D 99 28.46 8.87 15.63
CA HIS D 99 27.45 8.69 16.67
C HIS D 99 26.28 7.88 16.15
N TYR D 100 25.74 7.02 17.00
CA TYR D 100 24.69 6.12 16.58
C TYR D 100 23.30 6.75 16.63
N LEU D 101 23.17 7.91 17.28
CA LEU D 101 21.88 8.56 17.41
C LEU D 101 22.09 10.06 17.49
N TYR D 102 21.11 10.82 17.02
CA TYR D 102 21.22 12.25 17.23
C TYR D 102 19.84 12.89 17.17
N ARG D 103 19.78 14.12 17.66
CA ARG D 103 18.64 15.01 17.57
C ARG D 103 19.15 16.35 17.09
N SER D 104 18.38 17.05 16.26
CA SER D 104 18.88 18.31 15.72
C SER D 104 17.73 19.16 15.24
N GLY D 105 18.05 20.43 14.99
CA GLY D 105 17.10 21.31 14.33
C GLY D 105 17.87 22.34 13.53
N PHE D 106 17.22 22.86 12.49
CA PHE D 106 17.92 23.63 11.47
C PHE D 106 17.29 24.99 11.25
N CYS D 107 18.17 25.96 10.97
CA CYS D 107 17.81 27.30 10.52
C CYS D 107 18.47 27.52 9.17
N MET D 108 17.65 27.63 8.13
CA MET D 108 18.15 27.69 6.77
C MET D 108 17.75 29.00 6.11
N HIS D 109 18.66 29.56 5.34
CA HIS D 109 18.55 30.92 4.81
C HIS D 109 18.98 30.92 3.36
N VAL D 110 18.05 31.27 2.47
CA VAL D 110 18.31 31.23 1.03
C VAL D 110 18.15 32.63 0.46
N GLN D 111 19.16 33.11 -0.25
CA GLN D 111 19.12 34.44 -0.82
C GLN D 111 19.67 34.42 -2.23
N CYS D 112 19.15 35.32 -3.05
CA CYS D 112 19.34 35.30 -4.50
C CYS D 112 19.70 36.71 -4.96
N ASN D 113 20.90 36.88 -5.50
CA ASN D 113 21.38 38.19 -5.92
C ASN D 113 21.09 38.42 -7.38
N ALA D 114 20.24 39.40 -7.69
CA ALA D 114 19.95 39.73 -9.06
C ALA D 114 19.66 41.21 -9.16
N SER D 115 20.09 41.83 -10.27
CA SER D 115 19.86 43.25 -10.43
C SER D 115 18.39 43.50 -10.69
N LYS D 116 18.02 44.76 -10.82
CA LYS D 116 16.61 45.10 -10.91
C LYS D 116 16.03 44.95 -12.30
N PHE D 117 16.84 44.59 -13.29
CA PHE D 117 16.35 44.38 -14.64
C PHE D 117 15.98 42.94 -14.91
N HIS D 118 16.04 42.07 -13.90
CA HIS D 118 15.61 40.68 -14.02
C HIS D 118 14.25 40.51 -13.38
N GLN D 119 13.46 39.61 -13.93
CA GLN D 119 12.19 39.25 -13.33
C GLN D 119 12.20 37.77 -12.98
N GLY D 120 11.08 37.28 -12.48
CA GLY D 120 10.97 35.89 -12.10
C GLY D 120 10.84 35.72 -10.60
N ALA D 121 10.30 34.57 -10.20
CA ALA D 121 10.01 34.31 -8.80
C ALA D 121 10.30 32.85 -8.47
N LEU D 122 10.65 32.62 -7.21
CA LEU D 122 10.94 31.28 -6.70
C LEU D 122 9.97 30.93 -5.59
N LEU D 123 9.78 29.64 -5.40
CA LEU D 123 9.06 29.12 -4.25
C LEU D 123 10.02 28.32 -3.41
N VAL D 124 10.07 28.61 -2.11
CA VAL D 124 10.99 27.92 -1.22
C VAL D 124 10.17 27.28 -0.11
N ALA D 125 10.25 25.95 0.00
CA ALA D 125 9.43 25.22 0.96
C ALA D 125 10.25 24.08 1.54
N ALA D 126 9.99 23.78 2.81
CA ALA D 126 10.65 22.68 3.53
C ALA D 126 9.59 21.64 3.85
N ILE D 127 9.68 20.49 3.17
CA ILE D 127 8.64 19.49 3.13
C ILE D 127 9.10 18.27 3.93
N PRO D 128 8.55 18.02 5.11
CA PRO D 128 9.05 16.95 5.95
C PRO D 128 8.66 15.58 5.41
N GLU D 129 9.56 14.62 5.62
CA GLU D 129 9.37 13.25 5.16
C GLU D 129 9.09 13.22 3.65
N PHE D 130 10.14 13.54 2.90
CA PHE D 130 10.04 13.74 1.48
C PHE D 130 10.53 12.49 0.78
N VAL D 131 9.61 11.74 0.19
CA VAL D 131 9.90 10.46 -0.43
C VAL D 131 9.62 10.56 -1.92
N ILE D 132 10.64 10.36 -2.73
CA ILE D 132 10.53 10.56 -4.17
C ILE D 132 10.13 9.27 -4.86
N ALA D 133 9.95 9.31 -6.17
CA ALA D 133 9.40 8.17 -6.90
C ALA D 133 10.06 8.06 -8.26
N ALA D 134 9.68 7.03 -9.01
CA ALA D 134 10.27 6.75 -10.31
C ALA D 134 9.20 6.77 -11.38
N SER D 135 9.60 7.05 -12.61
CA SER D 135 8.66 7.46 -13.63
C SER D 135 7.91 6.31 -14.29
N SER D 136 8.53 5.14 -14.45
CA SER D 136 7.98 4.02 -15.22
C SER D 136 7.94 4.40 -16.70
N PRO D 137 7.73 3.44 -17.61
CA PRO D 137 7.75 3.86 -19.02
C PRO D 137 6.47 4.56 -19.44
N LEU D 146 11.51 -1.33 -9.77
CA LEU D 146 11.71 -0.01 -10.35
C LEU D 146 11.70 1.05 -9.28
N TYR D 147 12.87 1.46 -8.84
CA TYR D 147 13.05 2.29 -7.66
C TYR D 147 14.04 3.41 -7.96
N PRO D 148 14.00 4.50 -7.22
CA PRO D 148 14.93 5.59 -7.48
C PRO D 148 16.36 5.24 -7.12
N ASP D 149 17.28 5.57 -8.01
CA ASP D 149 18.69 5.31 -7.78
C ASP D 149 19.16 6.04 -6.53
N PHE D 150 20.20 5.50 -5.89
CA PHE D 150 20.65 6.09 -4.64
C PHE D 150 21.20 7.49 -4.82
N ALA D 151 21.63 7.86 -6.02
CA ALA D 151 22.05 9.23 -6.24
C ALA D 151 20.89 10.19 -6.15
N HIS D 152 19.68 9.73 -6.45
CA HIS D 152 18.51 10.59 -6.32
C HIS D 152 17.96 10.63 -4.90
N THR D 153 18.27 9.63 -4.08
CA THR D 153 17.72 9.64 -2.73
C THR D 153 18.52 10.53 -1.79
N ASN D 154 19.85 10.48 -1.85
CA ASN D 154 20.71 11.32 -1.01
C ASN D 154 21.69 12.03 -1.93
N PRO D 155 21.32 13.20 -2.44
CA PRO D 155 22.21 13.86 -3.40
C PRO D 155 23.54 14.27 -2.81
N GLY D 156 23.55 14.76 -1.59
CA GLY D 156 24.75 15.34 -1.03
C GLY D 156 24.72 16.84 -1.09
N LYS D 157 25.89 17.44 -0.84
CA LYS D 157 25.96 18.88 -0.68
C LYS D 157 25.63 19.63 -1.96
N ASP D 158 25.62 18.96 -3.11
CA ASP D 158 25.38 19.62 -4.38
C ASP D 158 23.93 19.52 -4.86
N GLY D 159 23.02 18.99 -4.05
CA GLY D 159 21.63 19.02 -4.47
C GLY D 159 21.35 18.15 -5.69
N GLN D 160 20.19 18.38 -6.28
CA GLN D 160 19.75 17.58 -7.42
C GLN D 160 18.74 18.37 -8.21
N GLU D 161 18.57 17.98 -9.48
CA GLU D 161 17.60 18.61 -10.36
C GLU D 161 16.33 17.77 -10.40
N PHE D 162 15.19 18.43 -10.45
CA PHE D 162 13.95 17.70 -10.63
C PHE D 162 13.83 17.16 -12.03
N ARG D 163 13.27 15.96 -12.13
CA ARG D 163 12.88 15.43 -13.42
C ARG D 163 11.53 15.99 -13.85
N ASP D 164 10.57 16.06 -12.93
CA ASP D 164 9.23 16.60 -13.18
C ASP D 164 8.83 17.54 -12.05
N PRO D 165 9.11 18.84 -12.18
CA PRO D 165 8.79 19.75 -11.08
C PRO D 165 7.31 19.93 -10.86
N TYR D 166 6.49 19.74 -11.89
CA TYR D 166 5.06 19.99 -11.74
C TYR D 166 4.47 19.10 -10.66
N VAL D 167 4.85 17.83 -10.64
CA VAL D 167 4.35 16.87 -9.66
C VAL D 167 5.31 16.69 -8.49
N LEU D 168 6.37 17.50 -8.41
CA LEU D 168 7.43 17.39 -7.40
C LEU D 168 8.25 16.13 -7.55
N ASP D 169 7.91 15.27 -8.50
CA ASP D 169 8.49 13.95 -8.62
C ASP D 169 8.25 13.11 -7.37
N ALA D 170 7.33 13.55 -6.51
CA ALA D 170 6.75 12.67 -5.50
C ALA D 170 5.34 12.21 -5.85
N GLY D 171 4.78 12.69 -6.94
CA GLY D 171 3.43 12.36 -7.32
C GLY D 171 2.37 13.35 -6.90
N ILE D 172 2.64 14.21 -5.92
CA ILE D 172 1.65 15.16 -5.44
C ILE D 172 1.73 16.42 -6.30
N PRO D 173 0.65 17.15 -6.49
CA PRO D 173 0.71 18.35 -7.34
C PRO D 173 1.48 19.45 -6.64
N LEU D 174 2.01 20.36 -7.45
CA LEU D 174 2.76 21.49 -6.90
C LEU D 174 1.84 22.59 -6.42
N SER D 175 0.68 22.74 -7.05
CA SER D 175 -0.23 23.81 -6.69
C SER D 175 -0.56 23.79 -5.22
N GLN D 176 -0.56 22.62 -4.61
CA GLN D 176 -0.90 22.46 -3.20
C GLN D 176 0.31 22.40 -2.30
N ALA D 177 1.52 22.44 -2.85
CA ALA D 177 2.71 22.29 -2.02
C ALA D 177 2.89 23.45 -1.05
N LEU D 178 2.09 24.50 -1.16
CA LEU D 178 2.15 25.58 -0.20
C LEU D 178 1.70 25.16 1.20
N VAL D 179 1.12 23.97 1.35
CA VAL D 179 0.67 23.55 2.66
C VAL D 179 1.83 23.35 3.61
N PHE D 180 3.04 23.20 3.09
CA PHE D 180 4.22 23.11 3.92
C PHE D 180 4.77 24.51 4.18
N PRO D 181 5.61 24.66 5.21
CA PRO D 181 6.16 25.99 5.50
C PRO D 181 6.97 26.50 4.31
N HIS D 182 6.66 27.72 3.89
CA HIS D 182 7.18 28.21 2.63
C HIS D 182 7.42 29.70 2.72
N GLN D 183 8.18 30.21 1.75
CA GLN D 183 8.47 31.63 1.64
C GLN D 183 8.62 31.97 0.18
N TRP D 184 8.17 33.14 -0.22
CA TRP D 184 8.25 33.56 -1.61
C TRP D 184 9.44 34.47 -1.82
N ILE D 185 10.30 34.10 -2.74
CA ILE D 185 11.39 34.96 -3.18
C ILE D 185 10.96 35.56 -4.51
N ASN D 186 10.68 36.84 -4.52
CA ASN D 186 10.10 37.51 -5.67
C ASN D 186 11.04 38.62 -6.09
N LEU D 187 11.66 38.45 -7.26
CA LEU D 187 12.83 39.25 -7.60
C LEU D 187 12.54 40.74 -7.75
N ARG D 188 11.30 41.18 -7.70
CA ARG D 188 11.07 42.61 -7.64
C ARG D 188 10.88 43.12 -6.22
N THR D 189 10.82 42.25 -5.22
CA THR D 189 10.53 42.66 -3.85
C THR D 189 11.61 42.24 -2.88
N ASN D 190 11.68 40.98 -2.49
CA ASN D 190 12.63 40.52 -1.50
C ASN D 190 13.55 39.48 -2.10
N ASN D 191 14.82 39.55 -1.73
CA ASN D 191 15.82 38.63 -2.24
C ASN D 191 16.18 37.51 -1.27
N CYS D 192 15.56 37.45 -0.10
CA CYS D 192 15.98 36.49 0.91
C CYS D 192 14.77 35.75 1.46
N ALA D 193 14.99 34.49 1.82
CA ALA D 193 13.96 33.67 2.45
C ALA D 193 14.61 32.88 3.56
N THR D 194 13.96 32.83 4.71
CA THR D 194 14.54 32.23 5.90
C THR D 194 13.51 31.31 6.55
N ILE D 195 13.96 30.17 7.05
CA ILE D 195 13.08 29.18 7.67
C ILE D 195 13.77 28.60 8.89
N ILE D 196 13.00 28.36 9.95
CA ILE D 196 13.45 27.57 11.08
C ILE D 196 12.57 26.34 11.18
N MET D 197 13.17 25.16 11.03
CA MET D 197 12.44 23.91 11.07
C MET D 197 12.87 23.11 12.29
N PRO D 198 11.99 22.85 13.24
CA PRO D 198 12.38 22.06 14.41
C PRO D 198 12.54 20.59 14.09
N TYR D 199 12.73 19.76 15.12
CA TYR D 199 12.97 18.35 14.93
C TYR D 199 11.63 17.63 14.96
N VAL D 200 11.22 17.10 13.81
CA VAL D 200 9.93 16.46 13.66
C VAL D 200 10.16 15.03 13.20
N ASN D 201 9.75 14.08 14.01
CA ASN D 201 9.98 12.66 13.80
C ASN D 201 9.29 11.93 14.93
N ALA D 202 9.00 10.66 14.70
CA ALA D 202 8.21 9.91 15.68
C ALA D 202 9.05 9.56 16.89
N LEU D 203 10.18 8.96 16.69
CA LEU D 203 11.07 8.61 17.78
C LEU D 203 11.76 9.86 18.30
N PRO D 204 12.19 9.86 19.56
CA PRO D 204 12.97 11.02 20.03
C PRO D 204 14.27 11.21 19.28
N PHE D 205 15.04 10.13 19.06
CA PHE D 205 16.30 10.18 18.36
C PHE D 205 16.27 9.26 17.15
N ASP D 206 17.09 9.56 16.16
CA ASP D 206 17.29 8.63 15.06
C ASP D 206 18.61 8.95 14.36
N SER D 207 19.12 7.99 13.62
CA SER D 207 20.45 8.07 13.05
C SER D 207 20.47 8.92 11.79
N ALA D 208 21.63 9.51 11.52
CA ALA D 208 21.77 10.44 10.40
C ALA D 208 22.01 9.74 9.08
N LEU D 209 22.52 8.52 9.09
CA LEU D 209 22.87 7.84 7.85
C LEU D 209 21.71 7.10 7.23
N ASN D 210 20.55 7.07 7.89
CA ASN D 210 19.42 6.33 7.36
C ASN D 210 18.24 7.24 7.12
N HIS D 211 17.59 7.68 8.19
CA HIS D 211 16.39 8.47 8.07
C HIS D 211 16.76 9.92 7.86
N SER D 212 16.38 10.48 6.72
CA SER D 212 16.64 11.87 6.41
C SER D 212 15.41 12.67 6.79
N ASN D 213 15.54 13.50 7.83
CA ASN D 213 14.38 14.00 8.54
C ASN D 213 13.44 14.76 7.63
N PHE D 214 13.97 15.52 6.67
CA PHE D 214 13.10 16.21 5.74
C PHE D 214 13.94 16.68 4.56
N GLY D 215 13.33 17.52 3.72
CA GLY D 215 13.98 17.99 2.51
C GLY D 215 13.58 19.43 2.25
N LEU D 216 14.19 20.01 1.24
CA LEU D 216 14.00 21.41 0.94
C LEU D 216 13.93 21.58 -0.56
N VAL D 217 13.00 22.38 -1.05
CA VAL D 217 12.87 22.56 -2.49
C VAL D 217 12.96 24.03 -2.83
N VAL D 218 13.56 24.30 -3.99
CA VAL D 218 13.55 25.62 -4.61
C VAL D 218 13.10 25.44 -6.04
N ILE D 219 11.92 25.94 -6.36
CA ILE D 219 11.33 25.75 -7.68
C ILE D 219 11.07 27.10 -8.34
N PRO D 220 11.68 27.41 -9.46
CA PRO D 220 11.36 28.66 -10.15
C PRO D 220 10.02 28.61 -10.84
N ILE D 221 8.96 28.94 -10.11
CA ILE D 221 7.61 28.79 -10.64
C ILE D 221 7.39 29.70 -11.83
N SER D 222 7.83 30.95 -11.76
CA SER D 222 7.71 31.83 -12.90
C SER D 222 9.08 32.01 -13.51
N PRO D 223 9.29 31.62 -14.75
CA PRO D 223 10.66 31.53 -15.27
C PRO D 223 11.32 32.89 -15.31
N LEU D 224 12.63 32.85 -15.42
CA LEU D 224 13.45 34.04 -15.46
C LEU D 224 13.58 34.56 -16.88
N LYS D 225 13.37 35.87 -17.05
CA LYS D 225 13.64 36.52 -18.32
C LYS D 225 14.39 37.81 -18.07
N TYR D 226 15.28 38.13 -19.00
CA TYR D 226 16.16 39.28 -18.87
C TYR D 226 16.44 39.81 -20.27
N CYS D 227 16.52 41.12 -20.39
CA CYS D 227 16.78 41.68 -21.70
C CYS D 227 18.23 41.45 -22.09
N ASN D 228 18.48 41.54 -23.39
CA ASN D 228 19.80 41.21 -23.94
C ASN D 228 20.89 42.04 -23.28
N GLY D 229 22.02 41.40 -23.02
CA GLY D 229 23.17 42.04 -22.45
C GLY D 229 23.29 41.86 -20.95
N ALA D 230 22.19 41.57 -20.27
CA ALA D 230 22.25 41.38 -18.83
C ALA D 230 22.96 40.07 -18.51
N THR D 231 23.41 39.94 -17.27
CA THR D 231 24.09 38.72 -16.86
C THR D 231 23.17 37.52 -17.04
N THR D 232 23.72 36.45 -17.59
CA THR D 232 22.91 35.34 -18.06
C THR D 232 22.36 34.48 -16.93
N GLU D 233 23.09 34.37 -15.84
CA GLU D 233 22.72 33.48 -14.75
C GLU D 233 22.60 34.24 -13.45
N VAL D 234 21.52 33.97 -12.71
CA VAL D 234 21.30 34.57 -11.40
C VAL D 234 21.66 33.54 -10.34
N PRO D 235 22.67 33.78 -9.52
CA PRO D 235 23.12 32.75 -8.58
C PRO D 235 22.16 32.61 -7.40
N VAL D 236 22.03 31.38 -6.92
CA VAL D 236 21.28 31.07 -5.70
C VAL D 236 22.24 30.43 -4.72
N THR D 237 22.24 30.93 -3.49
CA THR D 237 23.09 30.39 -2.44
C THR D 237 22.23 29.97 -1.25
N LEU D 238 22.82 29.17 -0.36
CA LEU D 238 22.08 28.63 0.77
C LEU D 238 22.97 28.64 1.99
N THR D 239 22.36 28.78 3.17
CA THR D 239 23.12 28.78 4.41
C THR D 239 22.32 28.07 5.49
N ILE D 240 22.96 27.14 6.19
CA ILE D 240 22.29 26.37 7.23
C ILE D 240 23.12 26.39 8.50
N ALA D 241 22.44 26.53 9.63
CA ALA D 241 23.09 26.67 10.94
C ALA D 241 22.36 25.80 11.95
N PRO D 242 22.75 24.54 12.10
CA PRO D 242 22.00 23.63 12.97
C PRO D 242 21.85 24.17 14.38
N LEU D 243 20.66 24.02 14.94
CA LEU D 243 20.32 24.51 16.27
C LEU D 243 20.10 23.36 17.23
N ASN D 244 20.53 23.56 18.48
CA ASN D 244 20.20 22.67 19.58
C ASN D 244 20.50 21.21 19.27
N SER D 245 21.59 20.94 18.56
CA SER D 245 21.90 19.57 18.21
C SER D 245 22.26 18.76 19.44
N GLU D 246 22.15 17.45 19.31
CA GLU D 246 22.59 16.51 20.34
C GLU D 246 23.13 15.26 19.65
N PHE D 247 23.92 14.51 20.41
CA PHE D 247 24.50 13.27 19.90
C PHE D 247 24.68 12.31 21.06
N SER D 248 24.74 11.02 20.73
CA SER D 248 24.88 9.99 21.75
C SER D 248 25.46 8.74 21.11
N GLY D 249 25.97 7.86 21.96
CA GLY D 249 26.43 6.58 21.47
C GLY D 249 27.62 6.67 20.54
N LEU D 250 28.73 7.19 21.05
CA LEU D 250 29.92 7.44 20.24
C LEU D 250 30.36 6.23 19.41
N PRO E 3 -35.38 -10.18 33.46
CA PRO E 3 -36.71 -10.19 32.84
C PRO E 3 -36.88 -9.07 31.81
N THR E 4 -36.41 -9.31 30.59
CA THR E 4 -36.35 -8.27 29.57
C THR E 4 -37.03 -8.78 28.31
N GLU E 5 -37.32 -7.85 27.40
CA GLU E 5 -37.83 -8.19 26.08
C GLU E 5 -36.91 -7.59 25.05
N LEU E 6 -36.91 -8.15 23.84
CA LEU E 6 -36.02 -7.71 22.79
C LEU E 6 -36.80 -6.89 21.77
N LYS E 7 -36.30 -5.70 21.48
CA LYS E 7 -36.96 -4.81 20.54
C LYS E 7 -36.67 -5.25 19.11
N PRO E 8 -37.37 -4.67 18.13
CA PRO E 8 -37.22 -5.13 16.74
C PRO E 8 -35.84 -4.97 16.16
N GLY E 9 -34.93 -4.22 16.78
CA GLY E 9 -33.68 -3.94 16.10
C GLY E 9 -32.47 -4.75 16.52
N THR E 10 -32.67 -5.94 17.10
CA THR E 10 -31.61 -6.61 17.85
C THR E 10 -30.31 -6.84 17.10
N ASN E 11 -30.30 -7.77 16.16
CA ASN E 11 -29.03 -8.35 15.72
C ASN E 11 -28.42 -7.67 14.52
N GLN E 12 -29.00 -6.57 14.04
CA GLN E 12 -28.42 -5.88 12.90
C GLN E 12 -27.01 -5.40 13.22
N PHE E 13 -26.15 -5.45 12.22
CA PHE E 13 -24.83 -4.84 12.27
C PHE E 13 -24.88 -3.58 11.44
N LEU E 14 -24.85 -2.43 12.09
CA LEU E 14 -25.02 -1.17 11.41
C LEU E 14 -23.66 -0.58 11.09
N THR E 15 -23.45 -0.23 9.82
CA THR E 15 -22.11 0.10 9.36
C THR E 15 -21.51 1.25 10.14
N THR E 16 -22.30 2.27 10.46
CA THR E 16 -21.77 3.31 11.35
C THR E 16 -22.30 3.03 12.75
N ASP E 17 -21.48 2.32 13.51
CA ASP E 17 -21.99 1.65 14.70
C ASP E 17 -21.92 2.54 15.91
N ASP E 18 -20.78 3.18 16.13
CA ASP E 18 -20.49 3.92 17.36
C ASP E 18 -20.80 3.08 18.59
N GLY E 19 -20.30 1.85 18.61
CA GLY E 19 -20.53 0.96 19.72
C GLY E 19 -19.29 0.75 20.57
N THR E 20 -19.22 -0.38 21.26
CA THR E 20 -18.03 -0.75 22.02
C THR E 20 -17.66 -2.19 21.67
N SER E 21 -16.41 -2.55 21.95
CA SER E 21 -15.91 -3.86 21.58
C SER E 21 -14.92 -4.36 22.61
N PRO E 22 -14.78 -5.66 22.77
CA PRO E 22 -13.86 -6.20 23.76
C PRO E 22 -12.42 -5.92 23.35
N PRO E 23 -11.57 -5.55 24.29
CA PRO E 23 -10.14 -5.42 23.99
C PRO E 23 -9.56 -6.80 23.72
N ILE E 24 -8.80 -6.92 22.64
CA ILE E 24 -8.33 -8.25 22.27
C ILE E 24 -7.14 -8.66 23.13
N LEU E 25 -6.35 -7.70 23.60
CA LEU E 25 -5.16 -7.96 24.40
C LEU E 25 -5.24 -7.15 25.68
N PRO E 26 -5.82 -7.70 26.73
CA PRO E 26 -5.94 -6.94 27.97
C PRO E 26 -4.58 -6.81 28.64
N GLY E 27 -4.42 -5.73 29.39
CA GLY E 27 -3.17 -5.51 30.08
C GLY E 27 -2.01 -5.24 29.14
N PHE E 28 -2.27 -4.77 27.95
CA PHE E 28 -1.23 -4.39 27.02
C PHE E 28 -1.00 -2.88 27.11
N GLU E 29 0.25 -2.48 26.98
CA GLU E 29 0.61 -1.09 27.19
C GLU E 29 1.06 -0.45 25.89
N PRO E 30 0.29 0.45 25.31
CA PRO E 30 0.75 1.16 24.13
C PRO E 30 1.97 2.01 24.47
N THR E 31 2.79 2.25 23.48
CA THR E 31 3.94 3.11 23.68
C THR E 31 3.45 4.54 23.90
N PRO E 32 3.85 5.20 24.98
CA PRO E 32 3.22 6.46 25.36
C PRO E 32 3.54 7.58 24.39
N LEU E 33 2.74 8.62 24.45
CA LEU E 33 2.91 9.78 23.58
C LEU E 33 4.19 10.53 23.88
N ILE E 34 4.63 11.30 22.89
CA ILE E 34 5.55 12.41 23.09
C ILE E 34 5.07 13.55 22.20
N HIS E 35 5.47 14.76 22.54
CA HIS E 35 5.02 15.92 21.81
C HIS E 35 5.58 15.91 20.39
N ILE E 36 4.71 15.95 19.40
CA ILE E 36 5.10 16.11 18.01
C ILE E 36 4.51 17.40 17.48
N PRO E 37 5.32 18.34 17.02
CA PRO E 37 4.77 19.60 16.54
C PRO E 37 3.87 19.38 15.35
N GLY E 38 2.89 20.27 15.18
CA GLY E 38 2.12 20.33 13.97
C GLY E 38 0.74 19.74 14.02
N GLU E 39 0.30 19.19 15.15
CA GLU E 39 -0.99 18.51 15.20
C GLU E 39 -2.09 19.39 14.66
N PHE E 40 -2.86 18.86 13.72
CA PHE E 40 -4.00 19.59 13.17
C PHE E 40 -5.26 18.82 13.50
N THR E 41 -6.22 19.48 14.14
CA THR E 41 -7.40 18.82 14.62
C THR E 41 -8.60 18.89 13.68
N SER E 42 -8.58 19.72 12.64
CA SER E 42 -9.75 19.79 11.79
C SER E 42 -9.37 20.23 10.40
N LEU E 43 -10.08 19.69 9.40
CA LEU E 43 -9.79 20.02 8.02
C LEU E 43 -10.06 21.49 7.75
N LEU E 44 -10.92 22.11 8.55
CA LEU E 44 -11.36 23.45 8.23
C LEU E 44 -10.27 24.49 8.46
N ASP E 45 -9.12 24.09 9.00
CA ASP E 45 -7.97 24.99 8.95
C ASP E 45 -7.27 24.93 7.60
N LEU E 46 -7.25 23.76 6.96
CA LEU E 46 -6.56 23.65 5.68
C LEU E 46 -7.23 24.49 4.62
N CYS E 47 -8.56 24.60 4.67
CA CYS E 47 -9.24 25.46 3.71
C CYS E 47 -8.83 26.91 3.85
N GLN E 48 -8.21 27.29 4.95
CA GLN E 48 -7.89 28.69 5.18
C GLN E 48 -6.48 29.06 4.79
N ILE E 49 -5.71 28.14 4.21
CA ILE E 49 -4.38 28.46 3.72
C ILE E 49 -4.44 28.52 2.21
N GLU E 50 -3.72 29.48 1.64
CA GLU E 50 -3.79 29.76 0.22
C GLU E 50 -2.89 28.82 -0.57
N THR E 51 -3.37 28.41 -1.74
CA THR E 51 -2.66 27.46 -2.57
C THR E 51 -2.74 27.93 -4.02
N ILE E 52 -1.68 27.71 -4.77
CA ILE E 52 -1.59 28.29 -6.11
C ILE E 52 -2.72 27.75 -6.96
N LEU E 53 -3.29 28.61 -7.76
CA LEU E 53 -4.49 28.30 -8.53
C LEU E 53 -4.13 28.22 -10.01
N GLU E 54 -4.71 27.25 -10.72
CA GLU E 54 -4.47 27.16 -12.16
C GLU E 54 -5.55 27.97 -12.85
N VAL E 55 -5.19 29.13 -13.34
CA VAL E 55 -6.14 29.93 -14.09
C VAL E 55 -5.98 29.69 -15.57
N ASN E 56 -4.90 29.02 -15.96
CA ASN E 56 -4.57 28.94 -17.37
C ASN E 56 -5.29 27.75 -18.01
N ASN E 57 -4.92 26.54 -17.60
CA ASN E 57 -5.61 25.28 -17.86
C ASN E 57 -6.18 25.21 -19.27
N THR E 58 -5.46 25.71 -20.26
CA THR E 58 -5.90 25.63 -21.64
C THR E 58 -5.33 24.38 -22.30
N THR E 59 -5.65 24.22 -23.57
CA THR E 59 -5.21 23.04 -24.30
C THR E 59 -3.76 23.19 -24.73
N GLY E 60 -2.98 22.13 -24.52
CA GLY E 60 -1.59 22.14 -24.91
C GLY E 60 -0.70 23.03 -24.08
N THR E 61 -1.07 23.31 -22.84
CA THR E 61 -0.32 24.21 -21.99
C THR E 61 0.76 23.49 -21.20
N ILE E 62 0.98 22.21 -21.50
CA ILE E 62 1.96 21.35 -20.85
C ILE E 62 1.80 21.48 -19.33
N GLY E 63 2.87 21.72 -18.59
CA GLY E 63 2.77 21.81 -17.14
C GLY E 63 3.71 22.86 -16.59
N VAL E 64 3.45 23.26 -15.34
CA VAL E 64 4.15 24.26 -14.53
C VAL E 64 4.08 25.61 -15.23
N SER E 65 3.58 25.61 -16.46
CA SER E 65 3.14 26.82 -17.13
C SER E 65 1.63 27.01 -17.02
N ARG E 66 0.94 26.08 -16.37
CA ARG E 66 -0.50 26.23 -16.24
C ARG E 66 -0.84 27.08 -15.04
N LEU E 67 0.15 27.40 -14.21
CA LEU E 67 -0.15 28.05 -12.94
C LEU E 67 -0.27 29.55 -13.06
N LEU E 68 0.18 30.14 -14.16
CA LEU E 68 0.28 31.59 -14.23
C LEU E 68 -0.32 32.15 -15.51
N ILE E 69 -0.99 33.29 -15.38
CA ILE E 69 -1.65 33.93 -16.50
C ILE E 69 -0.68 34.94 -17.11
N PRO E 70 -0.47 34.90 -18.41
CA PRO E 70 0.45 35.86 -19.02
C PRO E 70 -0.20 37.22 -19.17
N VAL E 71 0.63 38.25 -19.00
CA VAL E 71 0.22 39.62 -19.23
C VAL E 71 1.35 40.32 -19.97
N ARG E 72 1.01 41.02 -21.05
CA ARG E 72 2.03 41.61 -21.89
C ARG E 72 1.53 42.97 -22.36
N ALA E 73 2.30 43.61 -23.23
CA ALA E 73 1.85 44.85 -23.84
C ALA E 73 1.14 44.47 -25.14
N GLN E 74 -0.18 44.59 -25.14
CA GLN E 74 -1.00 44.11 -26.23
C GLN E 74 -1.37 45.20 -27.21
N ASN E 75 -0.82 46.40 -27.04
CA ASN E 75 -1.14 47.57 -27.87
C ASN E 75 -2.64 47.80 -27.98
N ASN E 76 -3.37 47.45 -26.92
CA ASN E 76 -4.80 47.71 -26.85
C ASN E 76 -5.17 48.04 -25.42
N VAL E 77 -5.95 49.11 -25.25
CA VAL E 77 -6.12 49.70 -23.93
C VAL E 77 -7.09 48.89 -23.08
N ASP E 78 -8.23 48.50 -23.65
CA ASP E 78 -9.25 47.80 -22.89
C ASP E 78 -9.42 46.40 -23.47
N GLN E 79 -8.97 45.40 -22.73
CA GLN E 79 -9.07 44.01 -23.17
C GLN E 79 -9.31 43.15 -21.95
N LEU E 80 -9.79 41.94 -22.20
CA LEU E 80 -10.05 40.97 -21.15
C LEU E 80 -8.83 40.08 -21.04
N CYS E 81 -8.10 40.20 -19.94
CA CYS E 81 -6.90 39.39 -19.76
C CYS E 81 -7.24 37.93 -19.47
N ALA E 82 -8.04 37.70 -18.44
CA ALA E 82 -8.45 36.34 -18.06
C ALA E 82 -9.68 36.43 -17.19
N SER E 83 -10.38 35.31 -17.05
CA SER E 83 -11.53 35.25 -16.17
C SER E 83 -11.76 33.82 -15.72
N PHE E 84 -12.35 33.65 -14.54
CA PHE E 84 -12.73 32.32 -14.09
C PHE E 84 -13.87 32.39 -13.10
N GLN E 85 -14.80 31.45 -13.21
CA GLN E 85 -15.92 31.41 -12.28
C GLN E 85 -15.45 30.94 -10.92
N VAL E 86 -16.27 31.21 -9.90
CA VAL E 86 -15.80 31.15 -8.52
C VAL E 86 -16.22 29.87 -7.80
N ASP E 87 -16.91 28.94 -8.45
CA ASP E 87 -17.28 27.69 -7.77
C ASP E 87 -16.05 26.89 -7.36
N PRO E 88 -15.83 26.66 -6.06
CA PRO E 88 -14.70 25.82 -5.67
C PRO E 88 -14.88 24.35 -6.00
N GLY E 89 -16.06 23.80 -5.84
CA GLY E 89 -16.20 22.38 -6.03
C GLY E 89 -16.22 22.00 -7.50
N ARG E 90 -16.92 22.81 -8.27
CA ARG E 90 -17.15 22.54 -9.68
C ARG E 90 -15.84 22.35 -10.42
N ASN E 91 -15.85 21.47 -11.43
CA ASN E 91 -14.63 21.21 -12.19
C ASN E 91 -14.13 22.51 -12.81
N GLY E 92 -12.82 22.68 -12.81
CA GLY E 92 -12.24 23.88 -13.36
C GLY E 92 -10.94 24.26 -12.70
N PRO E 93 -10.60 25.54 -12.76
CA PRO E 93 -9.37 26.01 -12.11
C PRO E 93 -9.23 25.58 -10.67
N TRP E 94 -10.31 25.67 -9.90
CA TRP E 94 -10.22 25.45 -8.47
C TRP E 94 -9.84 24.03 -8.09
N GLN E 95 -9.78 23.11 -9.05
CA GLN E 95 -9.36 21.75 -8.73
C GLN E 95 -7.93 21.68 -8.26
N SER E 96 -7.10 22.66 -8.59
CA SER E 96 -5.72 22.61 -8.15
C SER E 96 -5.53 23.17 -6.75
N THR E 97 -6.50 23.86 -6.19
CA THR E 97 -6.32 24.40 -4.86
C THR E 97 -6.41 23.29 -3.84
N MET E 98 -6.36 23.67 -2.57
CA MET E 98 -6.62 22.72 -1.50
C MET E 98 -8.12 22.66 -1.24
N VAL E 99 -8.70 23.80 -0.87
CA VAL E 99 -10.14 23.90 -0.65
C VAL E 99 -10.91 23.34 -1.84
N GLY E 100 -10.32 23.37 -3.03
CA GLY E 100 -10.97 22.73 -4.15
C GLY E 100 -11.06 21.23 -3.97
N GLN E 101 -10.04 20.63 -3.38
CA GLN E 101 -10.03 19.17 -3.27
C GLN E 101 -10.90 18.68 -2.13
N ILE E 102 -10.82 19.31 -0.97
CA ILE E 102 -11.52 18.74 0.17
C ILE E 102 -12.94 19.30 0.23
N CYS E 103 -13.33 20.06 -0.78
CA CYS E 103 -14.73 20.29 -1.02
C CYS E 103 -15.31 19.31 -2.01
N ARG E 104 -14.51 18.38 -2.53
CA ARG E 104 -15.09 17.28 -3.26
C ARG E 104 -15.56 16.19 -2.31
N TYR E 105 -15.17 16.25 -1.04
CA TYR E 105 -15.57 15.28 -0.03
C TYR E 105 -16.81 15.69 0.74
N TYR E 106 -17.45 16.79 0.39
CA TYR E 106 -18.63 17.20 1.13
C TYR E 106 -19.69 17.72 0.17
N THR E 107 -20.94 17.31 0.40
CA THR E 107 -22.00 17.68 -0.51
C THR E 107 -22.26 19.17 -0.53
N GLN E 108 -22.25 19.81 0.64
CA GLN E 108 -22.58 21.21 0.72
C GLN E 108 -21.49 21.99 1.42
N TRP E 109 -21.29 23.24 0.98
CA TRP E 109 -20.37 24.15 1.63
C TRP E 109 -21.02 25.53 1.68
N SER E 110 -20.26 26.51 2.16
CA SER E 110 -20.74 27.88 2.29
C SER E 110 -19.62 28.76 2.81
N GLY E 111 -19.82 30.06 2.73
CA GLY E 111 -18.89 31.01 3.31
C GLY E 111 -18.12 31.79 2.25
N SER E 112 -17.45 32.83 2.72
CA SER E 112 -16.71 33.72 1.86
C SER E 112 -15.37 33.11 1.47
N LEU E 113 -14.86 33.56 0.33
CA LEU E 113 -13.57 33.12 -0.18
C LEU E 113 -12.67 34.33 -0.37
N LYS E 114 -11.38 34.06 -0.52
CA LYS E 114 -10.37 35.10 -0.68
C LYS E 114 -9.48 34.71 -1.83
N VAL E 115 -9.15 35.66 -2.69
CA VAL E 115 -8.35 35.41 -3.88
C VAL E 115 -7.26 36.47 -3.98
N THR E 116 -6.01 36.04 -4.00
CA THR E 116 -4.87 36.94 -3.92
C THR E 116 -4.01 36.84 -5.17
N PHE E 117 -3.51 37.97 -5.63
CA PHE E 117 -2.71 38.05 -6.84
C PHE E 117 -1.30 38.51 -6.51
N MET E 118 -0.34 38.00 -7.27
CA MET E 118 1.03 38.50 -7.22
C MET E 118 1.42 38.93 -8.61
N PHE E 119 2.46 39.75 -8.69
CA PHE E 119 2.98 40.23 -9.96
C PHE E 119 4.46 39.89 -10.02
N THR E 120 4.86 39.15 -11.05
CA THR E 120 6.22 38.68 -11.18
C THR E 120 7.10 39.60 -12.01
N GLY E 121 6.53 40.59 -12.67
CA GLY E 121 7.28 41.39 -13.62
C GLY E 121 8.44 42.14 -12.97
N SER E 122 9.28 42.68 -13.84
CA SER E 122 10.49 43.33 -13.41
C SER E 122 10.19 44.60 -12.62
N PHE E 123 11.18 45.04 -11.86
CA PHE E 123 10.97 46.12 -10.90
C PHE E 123 10.62 47.43 -11.56
N MET E 124 11.01 47.62 -12.82
CA MET E 124 10.78 48.89 -13.49
C MET E 124 9.36 49.03 -14.00
N ALA E 125 8.68 47.93 -14.29
CA ALA E 125 7.44 47.96 -15.05
C ALA E 125 6.34 48.67 -14.27
N THR E 126 5.33 49.14 -15.01
CA THR E 126 4.24 49.90 -14.44
C THR E 126 3.00 49.69 -15.29
N GLY E 127 1.84 49.71 -14.65
CA GLY E 127 0.59 49.58 -15.36
C GLY E 127 -0.60 49.58 -14.42
N LYS E 128 -1.80 49.39 -14.95
CA LYS E 128 -2.99 49.33 -14.13
C LYS E 128 -3.88 48.20 -14.59
N MET E 129 -4.27 47.34 -13.67
CA MET E 129 -5.24 46.30 -13.95
C MET E 129 -6.51 46.60 -13.17
N LEU E 130 -7.64 46.40 -13.81
CA LEU E 130 -8.94 46.57 -13.18
C LEU E 130 -9.54 45.20 -12.94
N ILE E 131 -9.63 44.80 -11.68
CA ILE E 131 -10.14 43.49 -11.30
C ILE E 131 -11.59 43.64 -10.89
N ALA E 132 -12.50 43.02 -11.63
CA ALA E 132 -13.92 43.22 -11.41
C ALA E 132 -14.61 41.89 -11.14
N TYR E 133 -15.50 41.89 -10.15
CA TYR E 133 -16.25 40.72 -9.74
C TYR E 133 -17.73 40.88 -10.05
N THR E 134 -18.33 39.82 -10.58
CA THR E 134 -19.74 39.81 -10.98
C THR E 134 -20.56 38.92 -10.06
N PRO E 135 -21.66 39.42 -9.51
CA PRO E 135 -22.52 38.59 -8.67
C PRO E 135 -23.02 37.38 -9.44
N PRO E 136 -23.46 36.33 -8.74
CA PRO E 136 -23.69 35.05 -9.42
C PRO E 136 -24.86 35.03 -10.37
N GLY E 137 -25.79 35.97 -10.30
CA GLY E 137 -26.92 35.87 -11.17
C GLY E 137 -26.82 36.57 -12.51
N SER E 138 -25.61 36.86 -12.99
CA SER E 138 -25.44 37.68 -14.18
C SER E 138 -24.30 37.16 -15.03
N ALA E 139 -24.37 37.49 -16.32
CA ALA E 139 -23.29 37.16 -17.26
C ALA E 139 -22.10 38.09 -17.05
N GLN E 140 -20.95 37.65 -17.54
CA GLN E 140 -19.77 38.46 -17.34
C GLN E 140 -19.86 39.74 -18.16
N PRO E 141 -19.26 40.84 -17.69
CA PRO E 141 -19.46 42.13 -18.35
C PRO E 141 -18.97 42.15 -19.78
N ALA E 142 -19.47 43.12 -20.54
CA ALA E 142 -19.07 43.26 -21.93
C ALA E 142 -17.71 43.94 -22.02
N THR E 143 -17.66 45.22 -21.69
CA THR E 143 -16.41 45.97 -21.65
C THR E 143 -16.31 46.69 -20.33
N ARG E 144 -15.10 47.17 -20.03
CA ARG E 144 -14.83 47.64 -18.68
C ARG E 144 -15.85 48.67 -18.21
N GLU E 145 -16.36 49.51 -19.11
CA GLU E 145 -17.34 50.49 -18.68
C GLU E 145 -18.55 49.82 -18.05
N ALA E 146 -18.85 48.59 -18.46
CA ALA E 146 -19.84 47.82 -17.71
C ALA E 146 -19.23 47.21 -16.46
N ALA E 147 -17.93 46.93 -16.48
CA ALA E 147 -17.32 46.29 -15.32
C ALA E 147 -17.10 47.29 -14.20
N MET E 148 -16.54 48.45 -14.51
CA MET E 148 -16.20 49.40 -13.44
C MET E 148 -17.41 49.90 -12.69
N LEU E 149 -18.62 49.60 -13.17
CA LEU E 149 -19.80 49.98 -12.42
C LEU E 149 -20.06 49.02 -11.27
N GLY E 150 -19.66 47.76 -11.41
CA GLY E 150 -19.86 46.79 -10.37
C GLY E 150 -18.81 46.90 -9.29
N THR E 151 -18.62 45.82 -8.56
CA THR E 151 -17.50 45.75 -7.64
C THR E 151 -16.21 45.70 -8.43
N HIS E 152 -15.16 46.31 -7.90
CA HIS E 152 -13.87 46.31 -8.58
C HIS E 152 -12.85 46.99 -7.68
N ILE E 153 -11.59 46.77 -8.00
CA ILE E 153 -10.47 47.50 -7.41
C ILE E 153 -9.45 47.71 -8.51
N VAL E 154 -8.97 48.94 -8.65
CA VAL E 154 -7.89 49.19 -9.59
C VAL E 154 -6.59 48.82 -8.90
N TRP E 155 -5.81 47.96 -9.53
CA TRP E 155 -4.56 47.47 -8.96
C TRP E 155 -3.41 47.98 -9.78
N ASP E 156 -2.45 48.58 -9.10
CA ASP E 156 -1.35 49.28 -9.71
C ASP E 156 -0.05 48.55 -9.40
N PHE E 157 0.78 48.38 -10.42
CA PHE E 157 1.97 47.57 -10.29
C PHE E 157 3.03 48.28 -9.47
N GLY E 158 3.54 49.39 -9.98
CA GLY E 158 4.72 50.00 -9.40
C GLY E 158 4.64 50.18 -7.90
N LEU E 159 3.44 50.38 -7.37
CA LEU E 159 3.27 50.55 -5.94
C LEU E 159 3.02 49.20 -5.27
N GLN E 160 1.87 48.59 -5.58
CA GLN E 160 1.36 47.48 -4.82
C GLN E 160 1.60 46.19 -5.60
N SER E 161 2.40 45.28 -5.05
CA SER E 161 2.76 44.07 -5.77
C SER E 161 1.88 42.88 -5.43
N SER E 162 0.94 43.02 -4.51
CA SER E 162 0.00 41.95 -4.25
C SER E 162 -1.28 42.56 -3.70
N VAL E 163 -2.41 41.97 -4.04
CA VAL E 163 -3.69 42.54 -3.69
C VAL E 163 -4.68 41.43 -3.47
N THR E 164 -5.63 41.67 -2.57
CA THR E 164 -6.55 40.66 -2.10
C THR E 164 -7.97 41.09 -2.37
N LEU E 165 -8.78 40.20 -2.92
CA LEU E 165 -10.18 40.46 -3.20
C LEU E 165 -11.01 39.43 -2.44
N VAL E 166 -11.77 39.89 -1.46
CA VAL E 166 -12.68 39.03 -0.74
C VAL E 166 -13.99 38.97 -1.50
N ILE E 167 -14.46 37.76 -1.79
CA ILE E 167 -15.78 37.66 -2.40
C ILE E 167 -16.79 37.55 -1.27
N PRO E 168 -17.91 38.25 -1.36
CA PRO E 168 -18.82 38.28 -0.19
C PRO E 168 -19.42 36.94 0.16
N TRP E 169 -19.96 36.21 -0.80
CA TRP E 169 -20.72 35.03 -0.39
C TRP E 169 -20.77 33.98 -1.48
N ILE E 170 -20.85 32.73 -1.05
CA ILE E 170 -21.14 31.57 -1.89
C ILE E 170 -21.91 30.55 -1.07
N SER E 171 -22.90 29.92 -1.68
CA SER E 171 -23.65 28.85 -1.04
C SER E 171 -23.78 27.70 -2.02
N ASN E 172 -23.22 26.55 -1.66
CA ASN E 172 -23.20 25.36 -2.49
C ASN E 172 -22.74 25.68 -3.90
N THR E 189 -21.29 30.37 -11.16
CA THR E 189 -21.82 31.06 -9.99
C THR E 189 -20.85 32.15 -9.54
N GLY E 190 -21.02 33.34 -10.09
CA GLY E 190 -20.12 34.44 -9.81
C GLY E 190 -18.94 34.38 -10.76
N ILE E 191 -18.38 35.53 -11.12
CA ILE E 191 -17.26 35.56 -12.04
C ILE E 191 -16.33 36.68 -11.63
N VAL E 192 -15.03 36.44 -11.74
CA VAL E 192 -14.02 37.45 -11.53
C VAL E 192 -13.24 37.60 -12.82
N THR E 193 -13.15 38.82 -13.33
CA THR E 193 -12.46 39.10 -14.57
C THR E 193 -11.33 40.07 -14.31
N ILE E 194 -10.36 40.10 -15.23
CA ILE E 194 -9.18 40.94 -15.09
C ILE E 194 -9.00 41.73 -16.36
N TRP E 195 -9.18 43.05 -16.29
CA TRP E 195 -9.18 43.91 -17.45
C TRP E 195 -7.92 44.76 -17.47
N TYR E 196 -7.44 45.10 -18.66
CA TYR E 196 -6.38 46.09 -18.79
C TYR E 196 -6.97 47.47 -18.62
N GLN E 197 -6.52 48.19 -17.61
CA GLN E 197 -6.93 49.57 -17.49
C GLN E 197 -6.09 50.47 -18.37
N THR E 198 -4.78 50.23 -18.41
CA THR E 198 -3.85 51.03 -19.20
C THR E 198 -2.83 50.12 -19.85
N ASN E 199 -2.07 50.69 -20.77
CA ASN E 199 -1.02 49.95 -21.43
C ASN E 199 0.06 49.60 -20.43
N PHE E 200 0.88 48.62 -20.79
CA PHE E 200 1.96 48.11 -19.95
C PHE E 200 3.25 48.81 -20.35
N VAL E 201 3.79 49.63 -19.45
CA VAL E 201 4.83 50.61 -19.79
C VAL E 201 6.14 50.24 -19.11
N VAL E 202 7.22 50.21 -19.89
CA VAL E 202 8.53 49.82 -19.37
C VAL E 202 9.61 50.68 -20.00
N PRO E 203 10.66 50.99 -19.25
CA PRO E 203 11.80 51.71 -19.80
C PRO E 203 12.60 50.79 -20.69
N PRO E 204 13.65 51.28 -21.34
CA PRO E 204 14.37 50.44 -22.30
C PRO E 204 15.14 49.32 -21.63
N ASP E 205 15.37 48.26 -22.41
CA ASP E 205 16.10 47.07 -21.95
C ASP E 205 15.43 46.45 -20.73
N THR E 206 14.20 45.99 -20.94
CA THR E 206 13.41 45.33 -19.92
C THR E 206 12.54 44.29 -20.60
N PRO E 207 12.31 43.14 -19.98
CA PRO E 207 11.38 42.17 -20.56
C PRO E 207 9.97 42.75 -20.64
N THR E 208 9.29 42.47 -21.74
CA THR E 208 8.05 43.15 -22.05
C THR E 208 6.81 42.47 -21.49
N GLU E 209 6.89 41.22 -21.04
CA GLU E 209 5.72 40.52 -20.55
C GLU E 209 5.96 39.99 -19.14
N ALA E 210 4.97 40.17 -18.28
CA ALA E 210 5.04 39.67 -16.93
C ALA E 210 4.15 38.45 -16.80
N ASN E 211 4.04 37.91 -15.60
CA ASN E 211 3.15 36.80 -15.36
C ASN E 211 2.54 36.96 -13.99
N ILE E 212 1.22 36.81 -13.90
CA ILE E 212 0.50 36.98 -12.65
C ILE E 212 0.07 35.61 -12.16
N ILE E 213 0.20 35.37 -10.87
CA ILE E 213 -0.26 34.12 -10.28
C ILE E 213 -1.34 34.44 -9.27
N ALA E 214 -2.24 33.48 -9.06
CA ALA E 214 -3.40 33.66 -8.19
C ALA E 214 -3.34 32.67 -7.04
N LEU E 215 -3.93 33.04 -5.91
CA LEU E 215 -3.93 32.20 -4.73
C LEU E 215 -5.33 32.18 -4.14
N GLY E 216 -5.95 31.01 -4.11
CA GLY E 216 -7.26 30.87 -3.50
C GLY E 216 -7.19 30.44 -2.05
N ALA E 217 -8.19 30.85 -1.28
CA ALA E 217 -8.31 30.43 0.11
C ALA E 217 -9.72 30.67 0.59
N ALA E 218 -10.08 30.03 1.70
CA ALA E 218 -11.37 30.23 2.32
C ALA E 218 -11.23 31.09 3.57
N GLN E 219 -12.27 31.85 3.87
CA GLN E 219 -12.29 32.73 5.02
C GLN E 219 -12.62 31.93 6.28
N LYS E 220 -12.88 32.63 7.38
CA LYS E 220 -13.11 31.95 8.65
C LYS E 220 -14.46 31.24 8.66
N ASN E 221 -15.48 31.83 8.05
CA ASN E 221 -16.84 31.35 8.19
C ASN E 221 -17.18 30.22 7.23
N PHE E 222 -16.22 29.75 6.45
CA PHE E 222 -16.46 28.66 5.51
C PHE E 222 -16.81 27.39 6.28
N THR E 223 -17.83 26.67 5.82
CA THR E 223 -18.31 25.50 6.54
C THR E 223 -18.59 24.37 5.56
N LEU E 224 -18.62 23.14 6.07
CA LEU E 224 -18.83 21.97 5.25
C LEU E 224 -19.94 21.12 5.84
N LYS E 225 -20.49 20.20 5.04
CA LYS E 225 -21.62 19.41 5.51
C LYS E 225 -21.73 18.08 4.79
N LEU E 226 -22.19 17.07 5.52
CA LEU E 226 -22.65 15.80 4.95
C LEU E 226 -21.55 15.09 4.18
N CYS E 227 -20.67 14.41 4.89
CA CYS E 227 -19.53 13.72 4.29
C CYS E 227 -19.95 12.79 3.17
N LYS E 228 -19.15 12.79 2.10
CA LYS E 228 -19.34 11.97 0.92
C LYS E 228 -17.99 11.64 0.31
N ASP E 229 -17.84 10.41 -0.17
CA ASP E 229 -16.60 10.06 -0.85
C ASP E 229 -16.61 10.56 -2.29
N THR E 230 -15.42 10.80 -2.82
CA THR E 230 -15.26 11.61 -4.02
C THR E 230 -14.94 10.78 -5.25
N ASP E 231 -14.93 11.47 -6.39
CA ASP E 231 -14.68 10.89 -7.70
C ASP E 231 -13.28 11.12 -8.23
N GLU E 232 -12.42 11.84 -7.50
CA GLU E 232 -11.13 12.25 -8.04
C GLU E 232 -10.25 11.10 -8.46
N ILE E 233 -10.58 9.86 -8.10
CA ILE E 233 -9.61 8.80 -8.23
C ILE E 233 -10.25 7.54 -8.79
#